data_4RZ7
#
_entry.id   4RZ7
#
_cell.length_a   192.556
_cell.length_b   117.422
_cell.length_c   68.219
_cell.angle_alpha   90.000
_cell.angle_beta   95.260
_cell.angle_gamma   90.000
#
_symmetry.space_group_name_H-M   'C 1 2 1'
#
loop_
_entity.id
_entity.type
_entity.pdbx_description
1 polymer 'cGMP-dependent protein kinase, putative'
2 non-polymer 1-{(3R)-3-[4-amino-3-(4-phenoxyphenyl)-1H-pyrazolo[3,4-d]pyrimidin-1-yl]piperidin-1-yl}prop-2-en-1-one
3 non-polymer 'UNKNOWN ATOM OR ION'
4 water water
#
_entity_poly.entity_id   1
_entity_poly.type   'polypeptide(L)'
_entity_poly.pdbx_seq_one_letter_code
;GMRCNERNKKKAIFSNDDFSGEDTLMEDHLQLREKLSEDIEMIKASLKNNLVCSTLNDNEILTLSNYMQFFVFKGGDLVI
KQGEKGSYFFIINSGKFDVYVNDKKVKSMGKGSSFGEAALIHNTQRSATIMAETDGTLWGVQRSTFRATLKQLSNRNFNE
NRSFIDSVSVFDMLTEAQKNMITNACVIQMFKPGETIVKQGDYGDVLFILKEGKATVFINDKEIRVLNKGSYFGERALLY
DEPRSATIIAKEPTACASICRKLLNIVLGNLQVVLFRNIMTEALQQSEIFRQFSAEQLNDLADTAIVRDYPANYHILHKD
KVKSVKYLIVLEGKVELFLDDESIGILTRGKSFGDQYVLNQKQKFRHTVKSLDVCKIALITESCLADCLGDNNIDASIDH
NNKKSIIKKMYIFRYLSEQQCNLLIEAFRTTRYEEGDYIIQEGEVGSRFYIIKNGEVEVTKNGKRLRTLGKNDYFGERAL
LYDEPRTASIISKATSVECWFVDKSVFLQIIQGPMLTHLEERIKMQDTKVEMHELETERIIGRGTFGTVKLVHHKPTQIR
YALKCVSKRSIISLNQQNNIKLEREITAENDHPFIIRLVRTFKDSNCFYFLTELVTGGELYDAIRKLGLLSKPQAQFYLG
SIILAIEYLHERNIVYRDLKPENILLDKQGYVKLIDFGCAKKIQGRAYTLVGTPHYMAPEVILGKGYGCTVDIWALGVCL
YEFICGPLPFGNDQEDQLEIFRDILTGQLTFPDYVSDQDSINLMKRLLCRLPQGRIGCSINGFKDIKEHAFFGNFNWDKL
AGRLLEPPLVSKGETYAEDIDIKQIEEEDALNEGEPLDGDDSWDVDF
;
_entity_poly.pdbx_strand_id   A
#
loop_
_chem_comp.id
_chem_comp.type
_chem_comp.name
_chem_comp.formula
1E8 non-polymer 1-{(3R)-3-[4-amino-3-(4-phenoxyphenyl)-1H-pyrazolo[3,4-d]pyrimidin-1-yl]piperidin-1-yl}prop-2-en-1-one 'C25 H24 N6 O2'
UNX non-polymer 'UNKNOWN ATOM OR ION' ?
#
# COMPACT_ATOMS: atom_id res chain seq x y z
N GLY A 1 -55.93 -34.13 -25.09
CA GLY A 1 -54.98 -33.38 -24.31
C GLY A 1 -53.60 -33.71 -24.79
N MET A 2 -53.02 -32.81 -25.56
CA MET A 2 -51.60 -32.91 -25.87
C MET A 2 -50.90 -32.62 -24.55
N ARG A 3 -49.83 -33.35 -24.28
CA ARG A 3 -49.03 -33.10 -23.10
C ARG A 3 -47.66 -32.67 -23.55
N CYS A 4 -46.99 -31.83 -22.77
CA CYS A 4 -45.59 -31.56 -23.01
C CYS A 4 -44.75 -32.83 -22.87
N ASN A 5 -43.92 -33.11 -23.85
CA ASN A 5 -43.07 -34.31 -23.78
C ASN A 5 -41.60 -33.98 -23.60
N GLU A 6 -41.25 -32.76 -23.24
CA GLU A 6 -39.83 -32.53 -23.00
C GLU A 6 -39.53 -32.85 -21.55
N ARG A 7 -38.96 -34.05 -21.36
CA ARG A 7 -38.85 -34.65 -20.03
C ARG A 7 -38.12 -33.78 -19.02
N ASN A 8 -37.12 -33.04 -19.48
CA ASN A 8 -36.28 -32.25 -18.58
C ASN A 8 -36.62 -30.78 -18.57
N LYS A 9 -37.87 -30.45 -18.86
CA LYS A 9 -38.30 -29.05 -18.86
C LYS A 9 -38.72 -28.58 -17.46
N LYS A 10 -39.16 -29.51 -16.60
CA LYS A 10 -39.60 -29.15 -15.24
C LYS A 10 -38.53 -29.53 -14.22
N LYS A 11 -38.01 -28.53 -13.50
CA LYS A 11 -36.93 -28.76 -12.53
C LYS A 11 -37.33 -28.45 -11.08
N ALA A 12 -37.08 -29.41 -10.20
CA ALA A 12 -37.44 -29.30 -8.80
C ALA A 12 -36.62 -28.25 -8.04
N ILE A 13 -37.26 -27.62 -7.07
CA ILE A 13 -36.61 -26.68 -6.16
C ILE A 13 -36.15 -27.38 -4.87
N PHE A 14 -34.97 -27.03 -4.38
CA PHE A 14 -34.48 -27.60 -3.12
C PHE A 14 -34.22 -26.55 -2.04
N GLY A 21 -27.58 -22.46 12.58
CA GLY A 21 -27.52 -22.80 13.99
C GLY A 21 -28.34 -21.89 14.89
N GLU A 22 -27.66 -21.03 15.65
CA GLU A 22 -28.30 -20.13 16.61
C GLU A 22 -29.34 -19.22 15.97
N ASP A 23 -29.08 -18.82 14.73
CA ASP A 23 -29.99 -17.98 13.97
C ASP A 23 -31.37 -18.64 13.83
N THR A 24 -31.38 -19.96 13.78
CA THR A 24 -32.61 -20.73 13.61
C THR A 24 -33.50 -20.65 14.85
N LEU A 25 -32.94 -20.96 16.01
CA LEU A 25 -33.70 -21.02 17.25
C LEU A 25 -34.07 -19.65 17.81
N MET A 26 -33.29 -18.64 17.47
CA MET A 26 -33.50 -17.32 18.09
C MET A 26 -34.65 -16.58 17.44
N GLU A 27 -35.04 -16.95 16.23
CA GLU A 27 -36.16 -16.26 15.64
C GLU A 27 -37.45 -16.79 16.29
N ASP A 28 -37.36 -17.94 16.97
CA ASP A 28 -38.47 -18.42 17.78
C ASP A 28 -38.79 -17.45 18.92
N HIS A 29 -37.81 -16.68 19.36
CA HIS A 29 -37.96 -15.86 20.55
C HIS A 29 -38.04 -14.35 20.24
N LEU A 30 -37.86 -13.99 18.98
CA LEU A 30 -37.91 -12.60 18.53
C LEU A 30 -39.31 -12.00 18.71
N GLN A 31 -39.36 -10.71 19.07
CA GLN A 31 -40.62 -10.02 19.26
C GLN A 31 -40.44 -8.51 19.15
N LEU A 32 -41.33 -7.84 18.42
CA LEU A 32 -41.31 -6.39 18.33
C LEU A 32 -41.44 -5.77 19.71
N ARG A 33 -40.69 -4.70 19.94
CA ARG A 33 -40.69 -4.02 21.22
C ARG A 33 -40.12 -2.62 21.06
N GLU A 34 -40.93 -1.62 21.42
CA GLU A 34 -40.47 -0.24 21.40
C GLU A 34 -39.40 -0.08 22.47
N LYS A 35 -38.37 0.70 22.13
CA LYS A 35 -37.27 0.95 23.05
C LYS A 35 -37.57 2.18 23.93
N LEU A 36 -37.86 1.94 25.19
CA LEU A 36 -38.04 3.04 26.15
C LEU A 36 -36.67 3.46 26.67
N SER A 37 -36.59 4.68 27.21
CA SER A 37 -35.34 5.26 27.69
C SER A 37 -34.58 4.33 28.64
N GLU A 38 -35.31 3.66 29.53
CA GLU A 38 -34.70 2.70 30.45
C GLU A 38 -33.91 1.62 29.71
N ASP A 39 -34.42 1.19 28.56
CA ASP A 39 -33.77 0.16 27.74
C ASP A 39 -32.53 0.68 27.05
N ILE A 40 -32.69 1.80 26.36
CA ILE A 40 -31.64 2.44 25.57
C ILE A 40 -30.41 2.75 26.40
N GLU A 41 -30.63 3.21 27.62
CA GLU A 41 -29.52 3.60 28.49
C GLU A 41 -28.80 2.38 29.06
N MET A 42 -29.54 1.30 29.31
CA MET A 42 -28.89 0.08 29.75
C MET A 42 -28.02 -0.47 28.61
N ILE A 43 -28.55 -0.42 27.39
CA ILE A 43 -27.82 -0.86 26.23
C ILE A 43 -26.51 -0.09 26.10
N LYS A 44 -26.61 1.22 25.93
CA LYS A 44 -25.44 2.09 25.86
C LYS A 44 -24.44 1.77 26.96
N ALA A 45 -24.95 1.48 28.16
CA ALA A 45 -24.10 1.12 29.29
C ALA A 45 -23.38 -0.19 29.03
N SER A 46 -24.09 -1.18 28.48
CA SER A 46 -23.48 -2.47 28.21
C SER A 46 -22.41 -2.36 27.11
N LEU A 47 -22.74 -1.64 26.04
CA LEU A 47 -21.87 -1.50 24.87
C LEU A 47 -20.60 -0.73 25.17
N LYS A 48 -20.71 0.34 25.96
CA LYS A 48 -19.54 1.14 26.35
C LYS A 48 -18.50 0.28 27.09
N ASN A 49 -18.93 -0.90 27.56
CA ASN A 49 -18.02 -1.80 28.26
C ASN A 49 -17.62 -3.00 27.41
N ASN A 50 -18.04 -3.02 26.16
CA ASN A 50 -17.66 -4.09 25.25
C ASN A 50 -16.31 -3.82 24.57
N LEU A 51 -15.48 -4.85 24.45
CA LEU A 51 -14.11 -4.63 23.96
C LEU A 51 -14.06 -4.05 22.53
N VAL A 52 -15.14 -4.25 21.77
CA VAL A 52 -15.24 -3.70 20.42
C VAL A 52 -15.80 -2.27 20.38
N CYS A 53 -16.75 -1.95 21.26
CA CYS A 53 -17.49 -0.70 21.16
C CYS A 53 -17.03 0.39 22.10
N SER A 54 -16.11 0.06 23.00
CA SER A 54 -15.64 1.02 24.01
C SER A 54 -15.10 2.32 23.42
N THR A 55 -14.52 2.28 22.22
CA THR A 55 -13.93 3.49 21.62
C THR A 55 -14.83 4.13 20.56
N LEU A 56 -16.15 4.07 20.78
CA LEU A 56 -17.11 4.64 19.82
C LEU A 56 -17.76 5.88 20.38
N ASN A 57 -18.14 6.80 19.51
CA ASN A 57 -18.86 8.00 19.96
C ASN A 57 -20.34 7.69 20.14
N ASP A 58 -21.09 8.66 20.66
CA ASP A 58 -22.48 8.39 21.04
C ASP A 58 -23.38 8.14 19.83
N ASN A 59 -23.12 8.84 18.73
CA ASN A 59 -23.86 8.61 17.49
C ASN A 59 -23.68 7.18 16.98
N GLU A 60 -22.47 6.66 17.10
CA GLU A 60 -22.17 5.29 16.66
C GLU A 60 -22.87 4.26 17.55
N ILE A 61 -22.76 4.45 18.86
CA ILE A 61 -23.36 3.53 19.83
C ILE A 61 -24.90 3.55 19.79
N LEU A 62 -25.46 4.72 19.49
CA LEU A 62 -26.91 4.84 19.35
C LEU A 62 -27.42 4.03 18.17
N THR A 63 -26.75 4.18 17.02
CA THR A 63 -27.12 3.44 15.83
C THR A 63 -27.06 1.95 16.08
N LEU A 64 -25.97 1.50 16.72
CA LEU A 64 -25.83 0.09 17.08
C LEU A 64 -26.99 -0.35 17.95
N SER A 65 -27.39 0.53 18.88
CA SER A 65 -28.46 0.22 19.85
C SER A 65 -29.79 -0.04 19.17
N ASN A 66 -30.16 0.82 18.23
CA ASN A 66 -31.44 0.67 17.52
C ASN A 66 -31.51 -0.61 16.66
N TYR A 67 -30.37 -1.29 16.51
CA TYR A 67 -30.34 -2.55 15.75
C TYR A 67 -30.46 -3.76 16.67
N MET A 68 -30.35 -3.53 17.97
CA MET A 68 -30.55 -4.61 18.92
C MET A 68 -31.98 -5.14 18.81
N GLN A 69 -32.16 -6.43 19.05
CA GLN A 69 -33.50 -7.00 18.96
C GLN A 69 -33.94 -7.60 20.29
N PHE A 70 -35.25 -7.59 20.53
CA PHE A 70 -35.84 -8.08 21.76
C PHE A 70 -36.18 -9.57 21.64
N PHE A 71 -35.71 -10.36 22.60
CA PHE A 71 -35.98 -11.79 22.63
C PHE A 71 -36.56 -12.17 23.98
N VAL A 72 -37.72 -12.84 23.99
CA VAL A 72 -38.34 -13.24 25.25
C VAL A 72 -38.21 -14.74 25.48
N PHE A 73 -38.01 -15.11 26.73
CA PHE A 73 -37.80 -16.51 27.08
C PHE A 73 -38.68 -16.88 28.28
N LYS A 74 -39.10 -18.13 28.31
CA LYS A 74 -39.77 -18.68 29.48
C LYS A 74 -38.76 -19.55 30.24
N GLY A 75 -39.09 -19.89 31.49
CA GLY A 75 -38.19 -20.68 32.32
C GLY A 75 -37.76 -22.00 31.70
N GLY A 76 -36.50 -22.36 31.88
CA GLY A 76 -36.00 -23.63 31.36
C GLY A 76 -35.61 -23.61 29.90
N ASP A 77 -35.81 -22.47 29.24
CA ASP A 77 -35.43 -22.32 27.83
C ASP A 77 -33.91 -22.23 27.65
N LEU A 78 -33.43 -22.73 26.52
CA LEU A 78 -32.02 -22.62 26.16
C LEU A 78 -31.77 -21.33 25.37
N VAL A 79 -30.52 -20.87 25.38
CA VAL A 79 -30.11 -19.71 24.61
C VAL A 79 -28.89 -20.09 23.76
N ILE A 80 -27.77 -20.34 24.43
CA ILE A 80 -26.58 -20.87 23.75
C ILE A 80 -26.27 -22.28 24.26
N LYS A 81 -25.54 -23.06 23.47
CA LYS A 81 -25.16 -24.42 23.83
C LYS A 81 -23.66 -24.66 23.62
N GLN A 82 -23.04 -25.36 24.57
CA GLN A 82 -21.59 -25.54 24.63
C GLN A 82 -20.90 -25.95 23.33
N GLY A 83 -21.62 -26.66 22.47
CA GLY A 83 -21.01 -27.14 21.25
C GLY A 83 -21.20 -26.24 20.05
N GLU A 84 -22.37 -25.58 20.00
CA GLU A 84 -22.79 -24.87 18.79
C GLU A 84 -21.91 -23.65 18.49
N LYS A 85 -21.81 -23.29 17.21
CA LYS A 85 -21.03 -22.13 16.81
C LYS A 85 -21.85 -20.87 17.06
N GLY A 86 -21.20 -19.85 17.62
CA GLY A 86 -21.89 -18.68 18.11
C GLY A 86 -22.07 -17.60 17.07
N SER A 87 -23.12 -16.81 17.23
CA SER A 87 -23.44 -15.76 16.27
C SER A 87 -24.13 -14.56 16.92
N TYR A 88 -24.55 -14.73 18.17
CA TYR A 88 -25.31 -13.71 18.85
C TYR A 88 -24.57 -13.14 20.05
N PHE A 89 -24.90 -11.91 20.39
CA PHE A 89 -24.41 -11.29 21.62
C PHE A 89 -25.63 -10.75 22.37
N PHE A 90 -25.68 -11.03 23.67
CA PHE A 90 -26.88 -10.71 24.44
C PHE A 90 -26.62 -9.82 25.62
N ILE A 91 -27.52 -8.87 25.83
CA ILE A 91 -27.58 -8.12 27.07
C ILE A 91 -28.90 -8.44 27.80
N ILE A 92 -28.80 -9.01 28.99
CA ILE A 92 -29.99 -9.39 29.76
C ILE A 92 -30.86 -8.19 30.18
N ASN A 93 -32.18 -8.32 29.97
CA ASN A 93 -33.11 -7.21 30.24
C ASN A 93 -34.12 -7.52 31.36
N SER A 94 -34.32 -8.81 31.64
CA SER A 94 -35.14 -9.24 32.77
C SER A 94 -34.93 -10.73 33.04
N GLY A 95 -35.18 -11.15 34.27
CA GLY A 95 -35.05 -12.54 34.64
C GLY A 95 -33.61 -12.89 34.92
N LYS A 96 -33.37 -14.14 35.29
CA LYS A 96 -32.03 -14.61 35.57
C LYS A 96 -31.67 -15.75 34.63
N PHE A 97 -30.40 -15.85 34.27
CA PHE A 97 -29.95 -16.87 33.31
C PHE A 97 -28.79 -17.68 33.87
N ASP A 98 -28.96 -18.99 33.94
CA ASP A 98 -27.92 -19.85 34.50
C ASP A 98 -26.90 -20.23 33.43
N VAL A 99 -25.65 -20.43 33.86
CA VAL A 99 -24.57 -20.77 32.95
C VAL A 99 -23.98 -22.13 33.26
N TYR A 100 -23.75 -22.96 32.24
CA TYR A 100 -23.26 -24.31 32.50
C TYR A 100 -22.19 -24.80 31.51
N VAL A 101 -20.92 -24.57 31.83
CA VAL A 101 -19.82 -25.20 31.10
C VAL A 101 -19.74 -26.68 31.48
N ASN A 102 -19.55 -27.53 30.47
CA ASN A 102 -19.52 -28.99 30.65
C ASN A 102 -20.73 -29.54 31.41
N LYS A 105 -23.19 -26.38 35.80
CA LYS A 105 -23.53 -25.03 36.27
C LYS A 105 -22.27 -24.28 36.69
N VAL A 106 -22.32 -22.94 36.61
CA VAL A 106 -21.19 -22.10 37.00
C VAL A 106 -21.63 -20.76 37.60
N LYS A 107 -22.68 -20.14 37.06
CA LYS A 107 -23.08 -18.83 37.57
C LYS A 107 -24.54 -18.45 37.30
N SER A 108 -24.86 -17.19 37.59
CA SER A 108 -26.21 -16.67 37.40
C SER A 108 -26.14 -15.17 37.06
N MET A 109 -26.87 -14.77 36.03
CA MET A 109 -26.82 -13.38 35.57
C MET A 109 -28.23 -12.79 35.48
N GLY A 110 -28.33 -11.49 35.76
CA GLY A 110 -29.60 -10.79 35.70
C GLY A 110 -29.51 -9.42 35.03
N LYS A 111 -30.48 -8.56 35.32
CA LYS A 111 -30.62 -7.24 34.69
C LYS A 111 -29.30 -6.47 34.56
N GLY A 112 -28.83 -6.30 33.33
CA GLY A 112 -27.68 -5.46 33.05
C GLY A 112 -26.46 -6.14 32.44
N SER A 113 -26.22 -7.40 32.80
CA SER A 113 -25.02 -8.10 32.34
C SER A 113 -25.17 -8.61 30.89
N SER A 114 -24.05 -9.03 30.31
CA SER A 114 -24.06 -9.46 28.91
C SER A 114 -23.26 -10.74 28.73
N PHE A 115 -23.49 -11.43 27.61
CA PHE A 115 -22.71 -12.62 27.30
C PHE A 115 -22.64 -12.88 25.78
N GLY A 116 -21.65 -13.68 25.38
CA GLY A 116 -21.46 -14.01 23.98
C GLY A 116 -20.80 -12.88 23.18
N GLU A 117 -19.83 -12.22 23.77
CA GLU A 117 -19.14 -11.12 23.09
C GLU A 117 -18.18 -11.62 22.01
N ALA A 118 -17.73 -12.87 22.12
CA ALA A 118 -16.75 -13.40 21.17
C ALA A 118 -17.36 -13.54 19.78
N ALA A 119 -18.65 -13.84 19.73
CA ALA A 119 -19.31 -14.01 18.44
C ALA A 119 -19.39 -12.70 17.66
N LEU A 120 -19.22 -11.57 18.36
CA LEU A 120 -19.21 -10.25 17.72
C LEU A 120 -17.96 -10.01 16.86
N ILE A 121 -17.10 -11.01 16.78
CA ILE A 121 -15.85 -10.88 16.07
C ILE A 121 -15.73 -11.98 15.04
N HIS A 122 -16.02 -13.20 15.45
CA HIS A 122 -15.91 -14.33 14.55
C HIS A 122 -16.83 -15.52 14.95
N ASN A 123 -16.98 -16.48 14.03
CA ASN A 123 -17.75 -17.70 14.29
C ASN A 123 -17.10 -18.59 15.33
N THR A 124 -17.04 -18.09 16.57
CA THR A 124 -16.40 -18.80 17.65
C THR A 124 -17.30 -19.88 18.22
N GLN A 125 -16.76 -21.09 18.34
CA GLN A 125 -17.48 -22.19 18.98
C GLN A 125 -17.75 -21.80 20.44
N ARG A 126 -19.02 -21.85 20.84
CA ARG A 126 -19.39 -21.48 22.21
C ARG A 126 -18.64 -22.37 23.21
N SER A 127 -18.61 -21.93 24.46
CA SER A 127 -17.93 -22.70 25.49
C SER A 127 -18.94 -23.15 26.54
N ALA A 128 -19.61 -22.18 27.15
CA ALA A 128 -20.62 -22.46 28.18
C ALA A 128 -21.98 -22.75 27.57
N THR A 129 -23.01 -22.79 28.41
CA THR A 129 -24.38 -22.98 27.95
C THR A 129 -25.31 -22.21 28.86
N ILE A 130 -25.79 -21.08 28.38
CA ILE A 130 -26.62 -20.20 29.17
C ILE A 130 -28.10 -20.55 29.01
N MET A 131 -28.79 -20.76 30.12
CA MET A 131 -30.21 -21.11 30.09
C MET A 131 -31.00 -20.30 31.10
N ALA A 132 -32.29 -20.10 30.80
CA ALA A 132 -33.14 -19.22 31.60
C ALA A 132 -33.71 -19.89 32.85
N GLU A 133 -33.19 -19.52 34.02
CA GLU A 133 -33.78 -19.95 35.27
C GLU A 133 -35.19 -19.36 35.38
N THR A 134 -35.28 -18.03 35.47
CA THR A 134 -36.56 -17.33 35.48
C THR A 134 -37.17 -17.27 34.10
N ASP A 135 -38.24 -16.49 33.95
CA ASP A 135 -38.90 -16.34 32.66
C ASP A 135 -39.16 -14.86 32.36
N THR A 137 -36.05 -11.82 29.69
CA THR A 137 -35.85 -11.26 28.36
C THR A 137 -34.38 -10.93 28.03
N LEU A 138 -34.09 -10.76 26.73
CA LEU A 138 -32.74 -10.45 26.25
C LEU A 138 -32.76 -9.39 25.15
N TRP A 139 -31.86 -8.43 25.25
CA TRP A 139 -31.54 -7.62 24.07
C TRP A 139 -30.41 -8.35 23.34
N GLY A 140 -30.56 -8.54 22.04
CA GLY A 140 -29.58 -9.30 21.30
C GLY A 140 -29.18 -8.71 19.95
N VAL A 141 -28.03 -9.13 19.44
CA VAL A 141 -27.62 -8.73 18.11
C VAL A 141 -26.75 -9.79 17.50
N GLN A 142 -26.92 -9.99 16.20
CA GLN A 142 -26.20 -11.02 15.45
C GLN A 142 -24.91 -10.44 14.85
N ARG A 143 -23.87 -11.26 14.73
CA ARG A 143 -22.57 -10.80 14.24
C ARG A 143 -22.62 -10.07 12.91
N SER A 144 -23.27 -10.70 11.92
CA SER A 144 -23.37 -10.18 10.59
C SER A 144 -23.97 -8.77 10.64
N THR A 145 -25.07 -8.64 11.36
CA THR A 145 -25.74 -7.36 11.49
C THR A 145 -24.84 -6.34 12.16
N PHE A 146 -24.18 -6.77 13.23
CA PHE A 146 -23.28 -5.92 13.98
C PHE A 146 -22.13 -5.39 13.12
N ARG A 147 -21.42 -6.30 12.44
CA ARG A 147 -20.28 -5.89 11.64
C ARG A 147 -20.69 -5.13 10.38
N ALA A 148 -21.85 -5.48 9.83
CA ALA A 148 -22.39 -4.72 8.70
C ALA A 148 -22.70 -3.30 9.12
N THR A 149 -23.19 -3.14 10.35
CA THR A 149 -23.51 -1.83 10.84
C THR A 149 -22.23 -1.01 11.05
N LEU A 150 -21.22 -1.63 11.63
CA LEU A 150 -19.93 -0.96 11.82
C LEU A 150 -19.33 -0.54 10.47
N LYS A 151 -19.45 -1.41 9.48
CA LYS A 151 -18.91 -1.13 8.16
C LYS A 151 -19.60 0.10 7.59
N GLN A 152 -20.93 0.07 7.57
CA GLN A 152 -21.69 1.19 7.02
C GLN A 152 -21.47 2.49 7.77
N LEU A 153 -21.45 2.46 9.09
CA LEU A 153 -21.15 3.68 9.83
C LEU A 153 -19.83 4.29 9.36
N SER A 154 -18.77 3.50 9.36
CA SER A 154 -17.44 4.03 9.09
C SER A 154 -17.26 4.41 7.64
N ASN A 155 -17.82 3.59 6.76
CA ASN A 155 -17.67 3.79 5.34
C ASN A 155 -18.37 5.07 4.85
N ARG A 156 -19.53 5.36 5.43
CA ARG A 156 -20.26 6.56 5.06
C ARG A 156 -19.61 7.79 5.67
N ASN A 157 -19.11 7.67 6.90
CA ASN A 157 -18.33 8.73 7.49
C ASN A 157 -17.12 9.07 6.62
N PHE A 158 -16.42 8.04 6.15
CA PHE A 158 -15.27 8.25 5.30
C PHE A 158 -15.65 8.97 4.01
N ASN A 159 -16.67 8.45 3.33
CA ASN A 159 -17.04 8.96 2.01
C ASN A 159 -17.54 10.39 2.07
N GLU A 160 -18.28 10.70 3.12
CA GLU A 160 -18.80 12.05 3.31
C GLU A 160 -17.67 13.03 3.56
N ASN A 161 -16.78 12.70 4.50
CA ASN A 161 -15.62 13.52 4.77
C ASN A 161 -14.71 13.70 3.55
N ARG A 162 -14.65 12.67 2.72
CA ARG A 162 -13.84 12.73 1.54
C ARG A 162 -14.43 13.81 0.62
N SER A 163 -15.74 13.78 0.38
CA SER A 163 -16.34 14.75 -0.54
C SER A 163 -16.28 16.18 0.02
N PHE A 164 -16.33 16.31 1.34
CA PHE A 164 -16.12 17.60 1.96
C PHE A 164 -14.67 18.09 1.78
N ILE A 165 -13.71 17.17 1.83
CA ILE A 165 -12.32 17.49 1.50
C ILE A 165 -12.21 17.98 0.04
N ASP A 166 -12.95 17.33 -0.85
CA ASP A 166 -12.98 17.64 -2.26
C ASP A 166 -13.51 19.07 -2.53
N SER A 167 -14.37 19.54 -1.66
CA SER A 167 -14.99 20.84 -1.81
C SER A 167 -14.19 21.92 -1.12
N VAL A 168 -13.09 21.58 -0.47
CA VAL A 168 -12.29 22.62 0.15
C VAL A 168 -11.13 22.97 -0.77
N SER A 169 -11.15 24.20 -1.29
CA SER A 169 -10.27 24.63 -2.38
C SER A 169 -8.77 24.45 -2.08
N VAL A 170 -8.39 24.65 -0.82
CA VAL A 170 -6.99 24.53 -0.46
C VAL A 170 -6.44 23.09 -0.67
N PHE A 171 -7.33 22.10 -0.83
CA PHE A 171 -6.90 20.70 -1.01
C PHE A 171 -6.96 20.28 -2.46
N ASP A 172 -7.28 21.22 -3.33
CA ASP A 172 -7.54 20.90 -4.75
C ASP A 172 -6.37 20.22 -5.43
N MET A 173 -5.15 20.66 -5.12
CA MET A 173 -3.97 20.12 -5.80
C MET A 173 -3.34 18.91 -5.07
N LEU A 174 -4.06 18.30 -4.13
CA LEU A 174 -3.56 17.08 -3.50
C LEU A 174 -3.88 15.95 -4.42
N THR A 175 -2.98 14.96 -4.47
CA THR A 175 -3.24 13.76 -5.25
C THR A 175 -4.39 12.98 -4.65
N GLU A 176 -4.85 11.96 -5.36
CA GLU A 176 -5.85 11.04 -4.83
C GLU A 176 -5.38 10.40 -3.52
N ALA A 177 -4.17 9.86 -3.49
CA ALA A 177 -3.67 9.15 -2.32
C ALA A 177 -3.56 10.10 -1.14
N GLN A 178 -3.16 11.34 -1.43
CA GLN A 178 -2.95 12.32 -0.37
C GLN A 178 -4.29 12.78 0.19
N LYS A 179 -5.30 12.90 -0.66
CA LYS A 179 -6.64 13.25 -0.20
C LYS A 179 -7.19 12.17 0.75
N ASN A 180 -7.07 10.91 0.34
CA ASN A 180 -7.56 9.82 1.15
C ASN A 180 -6.83 9.74 2.51
N MET A 181 -5.52 9.99 2.52
CA MET A 181 -4.78 9.97 3.77
C MET A 181 -5.29 10.99 4.78
N ILE A 182 -5.64 12.19 4.34
CA ILE A 182 -6.10 13.19 5.32
C ILE A 182 -7.57 13.09 5.64
N THR A 183 -8.35 12.46 4.77
CA THR A 183 -9.73 12.15 5.09
C THR A 183 -9.80 11.32 6.38
N ASN A 184 -8.88 10.36 6.47
CA ASN A 184 -8.73 9.54 7.63
C ASN A 184 -8.35 10.34 8.85
N ALA A 185 -7.87 11.55 8.66
CA ALA A 185 -7.49 12.33 9.83
C ALA A 185 -8.65 13.19 10.32
N CYS A 186 -9.79 13.15 9.64
CA CYS A 186 -10.92 13.99 10.05
C CYS A 186 -11.49 13.53 11.39
N VAL A 187 -11.72 14.51 12.24
CA VAL A 187 -12.30 14.30 13.56
C VAL A 187 -13.69 14.92 13.55
N ILE A 188 -14.68 14.23 14.09
CA ILE A 188 -16.01 14.82 14.15
C ILE A 188 -16.25 15.43 15.52
N GLN A 189 -16.70 16.68 15.50
CA GLN A 189 -17.06 17.40 16.71
C GLN A 189 -18.53 17.80 16.65
N MET A 190 -19.18 17.67 17.79
CA MET A 190 -20.60 17.98 17.91
C MET A 190 -20.75 19.30 18.65
N PHE A 191 -21.71 20.11 18.19
CA PHE A 191 -21.98 21.38 18.83
C PHE A 191 -23.46 21.54 19.16
N LYS A 192 -23.75 21.64 20.46
CA LYS A 192 -25.10 21.94 20.95
C LYS A 192 -25.45 23.38 20.58
N PRO A 193 -26.73 23.66 20.31
CA PRO A 193 -27.16 25.03 19.94
C PRO A 193 -26.62 26.09 20.91
N GLY A 194 -26.11 27.18 20.34
CA GLY A 194 -25.54 28.25 21.14
C GLY A 194 -24.07 28.07 21.45
N GLU A 195 -23.51 26.93 21.06
CA GLU A 195 -22.08 26.71 21.29
C GLU A 195 -21.27 27.45 20.22
N THR A 196 -20.16 28.02 20.65
CA THR A 196 -19.30 28.75 19.74
C THR A 196 -18.22 27.81 19.21
N ILE A 197 -18.21 27.67 17.90
CA ILE A 197 -17.28 26.80 17.21
C ILE A 197 -15.89 27.43 17.13
N VAL A 198 -15.84 28.69 16.68
CA VAL A 198 -14.61 29.50 16.75
C VAL A 198 -14.93 30.94 17.18
N LYS A 199 -14.01 31.54 17.94
CA LYS A 199 -14.18 32.91 18.44
C LYS A 199 -13.23 33.90 17.75
N GLN A 200 -13.79 35.01 17.27
CA GLN A 200 -13.04 36.06 16.58
C GLN A 200 -11.77 36.48 17.32
N GLY A 201 -10.65 36.50 16.61
CA GLY A 201 -9.38 36.89 17.20
C GLY A 201 -8.54 35.73 17.73
N ASP A 202 -9.13 34.54 17.80
CA ASP A 202 -8.36 33.37 18.25
C ASP A 202 -7.45 32.84 17.17
N TYR A 203 -6.18 32.68 17.51
CA TYR A 203 -5.21 32.11 16.61
C TYR A 203 -5.39 30.58 16.54
N GLY A 204 -6.46 30.16 15.87
CA GLY A 204 -6.80 28.76 15.76
C GLY A 204 -6.09 28.14 14.59
N ASP A 205 -6.01 26.81 14.59
CA ASP A 205 -5.34 26.04 13.52
C ASP A 205 -6.24 24.93 12.98
N VAL A 206 -7.55 25.10 13.07
CA VAL A 206 -8.46 24.04 12.68
C VAL A 206 -9.41 24.46 11.56
N LEU A 207 -9.61 23.57 10.61
CA LEU A 207 -10.60 23.75 9.56
C LEU A 207 -11.88 23.01 9.94
N PHE A 208 -13.02 23.67 9.77
CA PHE A 208 -14.32 23.09 10.11
C PHE A 208 -15.18 22.95 8.87
N ILE A 209 -15.85 21.82 8.75
CA ILE A 209 -16.88 21.67 7.72
C ILE A 209 -18.22 21.31 8.37
N LEU A 210 -19.28 22.03 7.98
CA LEU A 210 -20.63 21.69 8.43
C LEU A 210 -21.15 20.50 7.65
N LYS A 211 -21.22 19.34 8.31
CA LYS A 211 -21.78 18.15 7.68
C LYS A 211 -23.31 18.14 7.84
N GLU A 212 -23.76 18.54 9.03
CA GLU A 212 -25.20 18.66 9.31
C GLU A 212 -25.46 19.77 10.34
N GLY A 213 -26.49 20.58 10.08
CA GLY A 213 -26.88 21.64 10.98
C GLY A 213 -26.74 23.03 10.39
N LYS A 214 -26.72 24.04 11.26
CA LYS A 214 -26.50 25.41 10.84
C LYS A 214 -25.77 26.21 11.92
N ALA A 215 -25.19 27.34 11.53
CA ALA A 215 -24.47 28.18 12.48
C ALA A 215 -24.47 29.65 12.05
N THR A 216 -24.24 30.54 13.00
CA THR A 216 -24.33 31.96 12.72
C THR A 216 -22.97 32.66 12.87
N VAL A 217 -22.67 33.53 11.91
CA VAL A 217 -21.39 34.22 11.86
C VAL A 217 -21.44 35.63 12.44
N PHE A 218 -20.65 35.88 13.48
CA PHE A 218 -20.60 37.19 14.17
C PHE A 218 -19.26 37.91 13.98
N ILE A 219 -19.28 39.06 13.30
CA ILE A 219 -18.11 39.92 13.21
C ILE A 219 -18.31 41.20 14.02
N ASN A 220 -17.45 41.39 15.02
CA ASN A 220 -17.61 42.45 16.03
C ASN A 220 -19.02 42.42 16.63
N ASP A 221 -19.37 41.26 17.20
CA ASP A 221 -20.64 41.05 17.90
C ASP A 221 -21.88 41.37 17.06
N LYS A 222 -21.70 41.54 15.76
CA LYS A 222 -22.81 41.80 14.86
C LYS A 222 -23.03 40.64 13.89
N GLU A 223 -24.24 40.08 13.90
CA GLU A 223 -24.63 39.02 12.95
C GLU A 223 -24.32 39.39 11.50
N ILE A 224 -23.49 38.59 10.83
CA ILE A 224 -23.07 38.87 9.46
C ILE A 224 -23.63 37.87 8.43
N ARG A 225 -23.97 36.66 8.88
CA ARG A 225 -24.63 35.63 8.05
C ARG A 225 -24.86 34.34 8.84
N VAL A 226 -25.47 33.36 8.18
CA VAL A 226 -25.74 32.06 8.79
C VAL A 226 -25.21 30.91 7.89
N LEU A 227 -24.61 29.88 8.51
CA LEU A 227 -23.95 28.81 7.73
C LEU A 227 -24.77 27.52 7.68
N ASN A 228 -24.81 26.91 6.51
CA ASN A 228 -25.55 25.67 6.29
C ASN A 228 -24.62 24.49 6.01
N LYS A 229 -25.16 23.27 6.08
CA LYS A 229 -24.39 22.05 5.84
C LYS A 229 -23.60 22.15 4.54
N GLY A 230 -22.29 22.02 4.66
CA GLY A 230 -21.40 22.18 3.51
C GLY A 230 -20.54 23.42 3.61
N SER A 231 -21.07 24.43 4.29
CA SER A 231 -20.28 25.63 4.56
C SER A 231 -19.05 25.22 5.34
N TYR A 232 -17.93 25.86 5.04
CA TYR A 232 -16.71 25.54 5.75
C TYR A 232 -15.87 26.76 5.99
N PHE A 233 -15.03 26.69 7.00
CA PHE A 233 -14.21 27.82 7.32
C PHE A 233 -12.93 27.39 8.03
N GLY A 234 -11.83 28.07 7.72
CA GLY A 234 -10.57 27.86 8.42
C GLY A 234 -9.44 27.33 7.54
N GLU A 235 -9.59 27.37 6.22
CA GLU A 235 -8.60 26.74 5.34
C GLU A 235 -7.26 27.44 5.35
N ARG A 236 -7.23 28.73 5.68
CA ARG A 236 -5.99 29.47 5.78
C ARG A 236 -5.28 29.17 7.10
N ALA A 237 -6.05 28.74 8.09
CA ALA A 237 -5.46 28.42 9.40
C ALA A 237 -4.64 27.10 9.36
N LEU A 238 -4.77 26.37 8.26
CA LEU A 238 -3.95 25.19 8.02
C LEU A 238 -2.63 25.58 7.36
N LEU A 239 -2.54 26.80 6.85
CA LEU A 239 -1.32 27.18 6.17
C LEU A 239 -0.57 28.29 6.92
N TYR A 240 -1.27 29.05 7.75
CA TYR A 240 -0.70 30.22 8.41
C TYR A 240 -1.21 30.44 9.82
N ASP A 241 -0.41 31.12 10.63
CA ASP A 241 -0.83 31.65 11.93
C ASP A 241 -1.68 32.91 11.80
N GLU A 242 -3.00 32.75 11.80
CA GLU A 242 -3.89 33.88 11.70
C GLU A 242 -4.99 33.87 12.73
N PRO A 243 -5.50 35.06 13.10
CA PRO A 243 -6.64 35.13 14.00
C PRO A 243 -7.93 34.84 13.26
N ARG A 244 -8.91 34.21 13.90
CA ARG A 244 -10.20 34.02 13.27
C ARG A 244 -10.79 35.38 12.91
N SER A 245 -11.35 35.49 11.71
CA SER A 245 -11.92 36.74 11.23
C SER A 245 -13.31 36.99 11.82
N ALA A 246 -13.90 35.94 12.39
CA ALA A 246 -15.29 35.99 12.80
C ALA A 246 -15.51 35.16 14.04
N THR A 247 -16.68 35.31 14.66
CA THR A 247 -17.12 34.39 15.72
C THR A 247 -18.24 33.52 15.16
N ILE A 248 -18.11 32.21 15.28
CA ILE A 248 -19.15 31.36 14.71
C ILE A 248 -19.85 30.56 15.81
N ILE A 249 -21.17 30.71 15.86
CA ILE A 249 -21.98 30.14 16.94
C ILE A 249 -23.05 29.23 16.33
N ALA A 250 -23.30 28.10 16.97
CA ALA A 250 -24.22 27.11 16.42
C ALA A 250 -25.69 27.35 16.80
N LYS A 251 -26.52 27.54 15.78
CA LYS A 251 -27.98 27.46 15.92
C LYS A 251 -28.42 26.12 15.32
N GLU A 252 -29.12 25.31 16.14
CA GLU A 252 -29.37 23.85 15.95
C GLU A 252 -28.19 23.06 16.51
N PRO A 253 -28.41 21.77 16.82
CA PRO A 253 -27.25 20.91 17.05
C PRO A 253 -26.55 20.63 15.73
N THR A 254 -25.22 20.69 15.70
CA THR A 254 -24.51 20.61 14.43
C THR A 254 -23.41 19.57 14.39
N ALA A 255 -23.15 19.10 13.17
CA ALA A 255 -22.10 18.12 12.90
C ALA A 255 -20.97 18.74 12.09
N CYS A 256 -19.77 18.76 12.70
CA CYS A 256 -18.59 19.30 12.02
C CYS A 256 -17.44 18.29 11.80
N ALA A 257 -17.14 18.01 10.52
CA ALA A 257 -15.90 17.34 10.16
C ALA A 257 -14.74 18.31 10.34
N SER A 258 -13.76 17.98 11.16
CA SER A 258 -12.66 18.92 11.36
C SER A 258 -11.26 18.36 11.08
N ILE A 259 -10.40 19.18 10.48
CA ILE A 259 -8.99 18.84 10.34
C ILE A 259 -8.08 19.85 11.04
N CYS A 260 -7.24 19.34 11.93
CA CYS A 260 -6.26 20.14 12.67
C CYS A 260 -4.93 20.21 11.90
N ARG A 261 -4.13 21.24 12.17
CA ARG A 261 -2.87 21.43 11.43
C ARG A 261 -1.76 20.53 11.98
N LYS A 262 -1.87 20.25 13.27
CA LYS A 262 -0.91 19.38 13.95
C LYS A 262 -1.00 17.96 13.36
N LEU A 263 -2.22 17.49 13.13
CA LEU A 263 -2.42 16.20 12.52
C LEU A 263 -2.04 16.23 11.04
N LEU A 264 -2.38 17.32 10.37
CA LEU A 264 -2.02 17.49 8.97
C LEU A 264 -0.51 17.33 8.83
N ASN A 265 0.24 17.97 9.73
CA ASN A 265 1.68 17.93 9.67
C ASN A 265 2.24 16.51 9.95
N ILE A 266 1.54 15.74 10.79
CA ILE A 266 1.88 14.36 11.05
C ILE A 266 1.55 13.47 9.83
N VAL A 267 0.37 13.66 9.27
CA VAL A 267 -0.02 12.84 8.12
C VAL A 267 0.68 13.21 6.78
N LEU A 268 0.93 14.51 6.55
CA LEU A 268 1.42 15.02 5.25
C LEU A 268 2.75 15.75 5.29
N GLY A 269 3.16 16.19 6.47
CA GLY A 269 4.25 17.16 6.53
C GLY A 269 3.68 18.55 6.34
N ASN A 270 4.42 19.38 5.62
CA ASN A 270 4.06 20.77 5.38
C ASN A 270 3.15 20.85 4.17
N LEU A 271 1.88 21.19 4.38
CA LEU A 271 0.89 21.22 3.31
C LEU A 271 1.32 22.07 2.09
N GLN A 272 1.93 23.22 2.35
CA GLN A 272 2.34 24.11 1.29
C GLN A 272 3.44 23.44 0.45
N VAL A 273 4.41 22.85 1.13
CA VAL A 273 5.46 22.09 0.44
C VAL A 273 4.87 20.96 -0.39
N VAL A 274 3.86 20.29 0.13
CA VAL A 274 3.28 19.17 -0.60
C VAL A 274 2.52 19.66 -1.82
N LEU A 275 1.72 20.72 -1.67
CA LEU A 275 0.92 21.22 -2.77
C LEU A 275 1.80 21.70 -3.93
N PHE A 276 2.89 22.39 -3.60
CA PHE A 276 3.81 22.91 -4.57
C PHE A 276 4.59 21.78 -5.30
N ARG A 277 4.99 20.73 -4.59
CA ARG A 277 5.58 19.59 -5.30
C ARG A 277 4.62 19.03 -6.33
N ASN A 278 3.38 18.82 -5.91
CA ASN A 278 2.41 18.30 -6.85
C ASN A 278 2.29 19.18 -8.11
N ILE A 279 2.23 20.50 -7.91
CA ILE A 279 2.01 21.47 -8.98
C ILE A 279 3.20 21.53 -9.95
N MET A 280 4.39 21.67 -9.38
CA MET A 280 5.61 21.66 -10.10
C MET A 280 5.85 20.36 -10.84
N THR A 281 5.52 19.24 -10.20
CA THR A 281 5.72 17.92 -10.81
C THR A 281 4.84 17.82 -12.03
N GLU A 282 3.62 18.33 -11.93
CA GLU A 282 2.73 18.30 -13.08
C GLU A 282 3.26 19.17 -14.24
N ALA A 283 3.83 20.33 -13.91
CA ALA A 283 4.39 21.22 -14.90
C ALA A 283 5.64 20.62 -15.51
N LEU A 284 6.59 20.21 -14.67
CA LEU A 284 7.85 19.64 -15.17
C LEU A 284 7.62 18.44 -16.08
N GLN A 285 6.61 17.66 -15.78
CA GLN A 285 6.38 16.45 -16.56
C GLN A 285 5.70 16.70 -17.88
N GLN A 286 5.61 17.94 -18.29
CA GLN A 286 5.08 18.25 -19.61
C GLN A 286 6.25 18.20 -20.57
N SER A 287 7.45 18.28 -20.01
CA SER A 287 8.70 18.26 -20.74
C SER A 287 9.18 16.82 -20.90
N GLU A 288 9.64 16.47 -22.09
CA GLU A 288 10.12 15.10 -22.30
C GLU A 288 11.37 14.86 -21.45
N ILE A 289 12.15 15.90 -21.18
CA ILE A 289 13.32 15.75 -20.31
C ILE A 289 12.98 15.39 -18.86
N PHE A 290 12.21 16.26 -18.21
CA PHE A 290 11.94 16.03 -16.80
C PHE A 290 11.03 14.83 -16.59
N ARG A 291 10.39 14.36 -17.64
CA ARG A 291 9.54 13.15 -17.53
C ARG A 291 10.42 11.88 -17.28
N GLN A 292 11.74 12.04 -17.37
CA GLN A 292 12.64 10.94 -17.15
C GLN A 292 13.19 11.02 -15.74
N PHE A 293 13.01 12.17 -15.11
CA PHE A 293 13.46 12.35 -13.73
C PHE A 293 12.61 11.54 -12.75
N SER A 294 13.18 11.23 -11.60
CA SER A 294 12.40 10.53 -10.57
C SER A 294 11.55 11.51 -9.76
N ALA A 295 10.55 10.95 -9.11
CA ALA A 295 9.68 11.68 -8.21
C ALA A 295 10.47 12.49 -7.17
N GLU A 296 11.51 11.89 -6.60
CA GLU A 296 12.33 12.59 -5.62
C GLU A 296 13.09 13.75 -6.25
N GLN A 297 13.59 13.54 -7.46
CA GLN A 297 14.32 14.55 -8.19
C GLN A 297 13.46 15.75 -8.52
N LEU A 298 12.25 15.50 -9.01
CA LEU A 298 11.30 16.56 -9.24
C LEU A 298 10.91 17.30 -7.94
N ASN A 299 10.70 16.57 -6.84
CA ASN A 299 10.31 17.18 -5.54
C ASN A 299 11.41 18.11 -5.10
N ASP A 300 12.66 17.67 -5.34
CA ASP A 300 13.79 18.50 -4.96
C ASP A 300 13.77 19.80 -5.77
N LEU A 301 13.46 19.72 -7.07
CA LEU A 301 13.43 20.91 -7.93
C LEU A 301 12.30 21.85 -7.48
N ALA A 302 11.16 21.27 -7.12
CA ALA A 302 10.09 22.04 -6.50
C ALA A 302 10.58 22.74 -5.22
N ASP A 303 11.28 22.03 -4.35
CA ASP A 303 11.69 22.61 -3.06
C ASP A 303 12.71 23.74 -3.24
N THR A 304 13.34 23.86 -4.39
CA THR A 304 14.42 24.86 -4.55
C THR A 304 14.17 25.92 -5.65
N ALA A 305 13.09 25.76 -6.41
CA ALA A 305 12.74 26.72 -7.44
C ALA A 305 12.55 28.10 -6.84
N ILE A 306 13.06 29.11 -7.54
CA ILE A 306 12.86 30.48 -7.18
C ILE A 306 11.50 30.92 -7.65
N VAL A 307 10.63 31.30 -6.71
CA VAL A 307 9.32 31.82 -7.08
C VAL A 307 9.29 33.35 -6.97
N ARG A 308 8.84 34.01 -8.05
CA ARG A 308 8.81 35.47 -8.14
C ARG A 308 7.47 35.97 -8.67
N ASP A 309 6.99 37.10 -8.15
CA ASP A 309 5.84 37.80 -8.74
C ASP A 309 6.33 38.95 -9.61
N TYR A 310 5.68 39.15 -10.74
CA TYR A 310 6.09 40.21 -11.67
C TYR A 310 4.94 41.07 -12.09
N PRO A 311 5.20 42.37 -12.22
CA PRO A 311 4.24 43.27 -12.88
C PRO A 311 4.10 42.93 -14.37
N ALA A 312 3.09 43.46 -15.01
CA ALA A 312 2.88 43.33 -16.45
C ALA A 312 3.99 44.00 -17.24
N ASN A 313 4.18 43.53 -18.47
CA ASN A 313 5.15 44.09 -19.39
C ASN A 313 6.55 44.07 -18.84
N TYR A 314 6.89 43.01 -18.14
CA TYR A 314 8.23 42.95 -17.59
C TYR A 314 9.08 41.91 -18.32
N HIS A 315 10.36 42.17 -18.44
CA HIS A 315 11.28 41.18 -19.04
C HIS A 315 11.89 40.28 -18.00
N ILE A 316 11.15 39.25 -17.64
CA ILE A 316 11.59 38.16 -16.76
C ILE A 316 12.94 37.54 -17.21
N LEU A 317 13.04 37.17 -18.49
CA LEU A 317 14.31 36.71 -19.08
C LEU A 317 14.58 37.43 -20.40
N HIS A 318 15.79 37.99 -20.56
CA HIS A 318 16.20 38.63 -21.81
C HIS A 318 17.67 38.36 -22.08
N LYS A 319 17.92 37.52 -23.10
CA LYS A 319 19.26 37.18 -23.57
C LYS A 319 20.19 36.78 -22.43
N ASP A 320 21.15 37.65 -22.11
CA ASP A 320 22.15 37.36 -21.07
C ASP A 320 21.85 37.98 -19.70
N LYS A 321 20.65 38.53 -19.52
CA LYS A 321 20.31 39.26 -18.30
C LYS A 321 20.31 38.38 -17.05
N VAL A 322 19.46 37.33 -17.03
CA VAL A 322 19.48 36.39 -15.90
C VAL A 322 20.22 35.11 -16.32
N LYS A 323 21.55 35.13 -16.19
CA LYS A 323 22.40 34.09 -16.77
C LYS A 323 22.23 32.67 -16.23
N SER A 324 21.65 32.53 -15.02
CA SER A 324 21.64 31.23 -14.36
C SER A 324 20.37 30.39 -14.63
N VAL A 325 19.36 30.99 -15.23
CA VAL A 325 18.08 30.31 -15.33
C VAL A 325 18.03 29.35 -16.52
N LYS A 326 17.57 28.14 -16.28
CA LYS A 326 17.47 27.14 -17.32
C LYS A 326 16.04 26.82 -17.72
N TYR A 327 15.09 26.95 -16.78
CA TYR A 327 13.73 26.55 -17.05
C TYR A 327 12.77 27.48 -16.31
N LEU A 328 11.58 27.66 -16.89
CA LEU A 328 10.65 28.67 -16.45
C LEU A 328 9.26 28.06 -16.42
N ILE A 329 8.55 28.20 -15.31
CA ILE A 329 7.20 27.66 -15.22
C ILE A 329 6.19 28.76 -14.83
N VAL A 330 5.10 28.90 -15.58
CA VAL A 330 4.08 29.87 -15.22
C VAL A 330 3.10 29.30 -14.20
N LEU A 331 3.07 29.95 -13.04
CA LEU A 331 2.21 29.54 -11.93
C LEU A 331 0.89 30.30 -12.01
N GLU A 332 0.97 31.60 -12.28
CA GLU A 332 -0.25 32.39 -12.48
C GLU A 332 0.01 33.44 -13.52
N GLY A 333 -0.98 33.76 -14.35
CA GLY A 333 -0.79 34.79 -15.35
C GLY A 333 -0.35 34.31 -16.72
N LYS A 334 0.18 35.22 -17.52
CA LYS A 334 0.57 34.93 -18.89
C LYS A 334 1.88 35.61 -19.20
N VAL A 335 2.71 34.93 -19.99
CA VAL A 335 3.92 35.54 -20.50
C VAL A 335 4.05 35.19 -21.98
N GLU A 336 4.85 35.97 -22.69
CA GLU A 336 5.00 35.81 -24.12
C GLU A 336 6.46 35.52 -24.36
N LEU A 337 6.73 34.62 -25.30
CA LEU A 337 8.07 34.23 -25.62
C LEU A 337 8.53 34.87 -26.92
N PHE A 338 9.78 35.30 -26.94
CA PHE A 338 10.34 35.88 -28.14
C PHE A 338 11.68 35.24 -28.43
N LEU A 339 11.92 34.94 -29.72
CA LEU A 339 13.27 34.83 -30.26
C LEU A 339 13.55 36.14 -31.01
N ASP A 340 14.49 36.93 -30.48
CA ASP A 340 14.76 38.25 -30.99
C ASP A 340 13.48 39.08 -31.05
N ASP A 341 13.04 39.52 -32.22
CA ASP A 341 11.83 40.33 -32.26
C ASP A 341 10.59 39.52 -32.64
N GLU A 342 10.75 38.21 -32.85
CA GLU A 342 9.58 37.41 -33.18
C GLU A 342 9.00 36.69 -31.95
N SER A 343 7.76 37.05 -31.68
CA SER A 343 6.91 36.31 -30.80
C SER A 343 6.83 34.88 -31.32
N ILE A 344 6.99 33.90 -30.42
CA ILE A 344 6.92 32.50 -30.82
C ILE A 344 5.89 31.76 -30.03
N GLY A 345 5.15 32.48 -29.18
CA GLY A 345 4.09 31.89 -28.40
C GLY A 345 3.78 32.54 -27.06
N ILE A 346 2.62 32.19 -26.55
CA ILE A 346 2.17 32.68 -25.25
C ILE A 346 1.94 31.55 -24.27
N LEU A 347 2.58 31.63 -23.10
CA LEU A 347 2.39 30.61 -22.06
C LEU A 347 1.43 31.01 -20.96
N THR A 348 0.41 30.20 -20.77
CA THR A 348 -0.46 30.40 -19.63
C THR A 348 -0.14 29.48 -18.44
N ARG A 349 -1.01 29.53 -17.47
CA ARG A 349 -0.92 28.81 -16.19
C ARG A 349 -0.49 27.36 -16.35
N GLY A 350 0.58 26.96 -15.66
CA GLY A 350 1.00 25.58 -15.70
C GLY A 350 1.90 25.20 -16.88
N LYS A 351 2.07 26.06 -17.88
CA LYS A 351 2.93 25.74 -19.00
C LYS A 351 4.33 26.26 -18.73
N SER A 352 5.27 25.87 -19.58
CA SER A 352 6.67 26.15 -19.29
C SER A 352 7.54 26.19 -20.53
N PHE A 353 8.82 26.47 -20.32
CA PHE A 353 9.73 26.74 -21.37
C PHE A 353 11.16 26.54 -20.90
N GLY A 354 11.97 25.96 -21.77
CA GLY A 354 13.40 25.90 -21.54
C GLY A 354 14.12 24.60 -21.90
N ASP A 355 13.42 23.62 -22.47
CA ASP A 355 14.04 22.31 -22.83
C ASP A 355 15.43 22.46 -23.44
N GLN A 356 15.54 23.31 -24.46
CA GLN A 356 16.80 23.63 -25.12
C GLN A 356 17.97 23.97 -24.16
N TYR A 357 17.69 24.75 -23.14
CA TYR A 357 18.76 25.24 -22.25
C TYR A 357 19.04 24.26 -21.11
N VAL A 358 18.05 23.45 -20.77
CA VAL A 358 18.18 22.42 -19.76
C VAL A 358 19.17 21.35 -20.24
N LEU A 359 19.18 21.11 -21.56
CA LEU A 359 19.99 20.05 -22.16
C LEU A 359 21.40 20.53 -22.45
N ASN A 360 21.54 21.82 -22.72
CA ASN A 360 22.83 22.36 -23.09
C ASN A 360 23.26 23.46 -22.13
N GLN A 361 23.82 23.04 -21.01
CA GLN A 361 24.22 23.93 -19.92
C GLN A 361 24.96 25.19 -20.34
N LYS A 362 25.82 25.05 -21.34
CA LYS A 362 26.73 26.12 -21.74
C LYS A 362 26.12 27.06 -22.79
N GLN A 363 25.06 26.61 -23.45
CA GLN A 363 24.42 27.40 -24.50
C GLN A 363 23.82 28.70 -23.94
N LYS A 364 24.08 29.81 -24.61
CA LYS A 364 23.59 31.13 -24.20
C LYS A 364 22.09 31.30 -24.47
N PHE A 365 21.36 31.77 -23.47
CA PHE A 365 19.93 32.08 -23.61
C PHE A 365 19.71 33.09 -24.75
N ARG A 366 18.99 32.67 -25.78
CA ARG A 366 18.71 33.55 -26.90
C ARG A 366 17.31 34.16 -26.81
N HIS A 367 16.47 33.60 -25.95
CA HIS A 367 15.09 33.96 -26.01
C HIS A 367 14.77 35.07 -25.02
N THR A 368 13.58 35.60 -25.16
CA THR A 368 13.08 36.65 -24.29
C THR A 368 11.75 36.18 -23.80
N VAL A 369 11.53 36.38 -22.50
CA VAL A 369 10.26 36.08 -21.88
C VAL A 369 9.73 37.38 -21.27
N LYS A 370 8.51 37.74 -21.60
CA LYS A 370 7.98 39.03 -21.16
C LYS A 370 6.58 38.85 -20.60
N SER A 371 6.34 39.31 -19.38
CA SER A 371 5.01 39.17 -18.79
C SER A 371 3.94 39.96 -19.59
N LEU A 372 2.77 39.36 -19.77
CA LEU A 372 1.65 40.00 -20.45
C LEU A 372 0.74 40.64 -19.40
N ASP A 373 0.64 39.98 -18.25
CA ASP A 373 -0.07 40.54 -17.11
C ASP A 373 0.72 40.29 -15.83
N VAL A 374 0.19 40.76 -14.71
CA VAL A 374 0.73 40.46 -13.39
C VAL A 374 0.85 38.96 -13.26
N CYS A 375 2.01 38.44 -12.92
CA CYS A 375 2.09 36.98 -12.91
C CYS A 375 2.96 36.44 -11.79
N LYS A 376 2.93 35.12 -11.64
CA LYS A 376 3.79 34.44 -10.67
C LYS A 376 4.54 33.34 -11.41
N ILE A 377 5.86 33.36 -11.30
CA ILE A 377 6.76 32.48 -12.04
C ILE A 377 7.68 31.61 -11.16
N ALA A 378 7.79 30.32 -11.47
CA ALA A 378 8.82 29.45 -10.87
C ALA A 378 10.04 29.33 -11.79
N LEU A 379 11.22 29.62 -11.27
CA LEU A 379 12.44 29.58 -12.04
C LEU A 379 13.36 28.45 -11.56
N ILE A 380 13.82 27.61 -12.48
CA ILE A 380 14.79 26.56 -12.18
C ILE A 380 16.16 26.99 -12.72
N THR A 381 17.11 27.11 -11.81
CA THR A 381 18.44 27.59 -12.17
C THR A 381 19.46 26.46 -12.35
N GLU A 382 20.64 26.81 -12.84
CA GLU A 382 21.72 25.86 -13.05
C GLU A 382 22.11 25.12 -11.73
N SER A 383 22.06 25.85 -10.62
CA SER A 383 22.32 25.32 -9.29
C SER A 383 21.25 24.35 -8.78
N CYS A 384 19.97 24.63 -9.04
CA CYS A 384 18.91 23.66 -8.70
C CYS A 384 19.10 22.36 -9.43
N LEU A 385 19.49 22.46 -10.70
CA LEU A 385 19.67 21.28 -11.53
C LEU A 385 20.83 20.46 -10.98
N ALA A 386 21.96 21.12 -10.77
CA ALA A 386 23.16 20.47 -10.29
C ALA A 386 22.92 19.82 -8.94
N ASP A 387 22.29 20.59 -8.03
CA ASP A 387 21.93 20.07 -6.72
C ASP A 387 20.96 18.91 -6.80
N CYS A 388 20.02 18.98 -7.73
CA CYS A 388 19.07 17.89 -7.88
C CYS A 388 19.76 16.58 -8.33
N LEU A 389 20.76 16.74 -9.20
CA LEU A 389 21.36 15.60 -9.89
C LEU A 389 22.60 15.06 -9.17
N GLY A 390 23.22 15.89 -8.33
CA GLY A 390 24.38 15.45 -7.61
C GLY A 390 25.70 15.97 -8.14
N ASP A 391 25.73 16.57 -9.33
CA ASP A 391 26.95 17.27 -9.73
C ASP A 391 26.76 18.31 -10.81
N ASN A 392 27.83 19.09 -11.00
CA ASN A 392 27.84 20.25 -11.89
C ASN A 392 27.83 19.96 -13.39
N ASN A 393 28.20 18.75 -13.79
CA ASN A 393 28.19 18.45 -15.20
C ASN A 393 26.81 17.98 -15.61
N ILE A 394 25.93 18.97 -15.83
CA ILE A 394 24.50 18.74 -15.99
C ILE A 394 24.15 17.95 -17.23
N ASP A 395 24.66 18.38 -18.38
CA ASP A 395 24.44 17.69 -19.66
C ASP A 395 24.73 16.20 -19.54
N ALA A 396 25.90 15.86 -18.99
CA ALA A 396 26.31 14.45 -18.84
C ALA A 396 25.44 13.75 -17.83
N SER A 397 25.10 14.49 -16.78
CA SER A 397 24.38 13.90 -15.67
C SER A 397 22.92 13.60 -16.05
N ILE A 398 22.40 14.32 -17.04
CA ILE A 398 21.02 14.11 -17.50
C ILE A 398 20.96 12.95 -18.47
N ASP A 399 21.98 12.87 -19.31
CA ASP A 399 22.18 11.71 -20.15
C ASP A 399 22.37 10.45 -19.27
N HIS A 400 23.27 10.51 -18.30
CA HIS A 400 23.45 9.36 -17.37
C HIS A 400 22.15 8.93 -16.73
N ASN A 401 21.33 9.92 -16.32
CA ASN A 401 20.08 9.70 -15.60
C ASN A 401 18.96 9.21 -16.52
N ASN A 402 19.04 9.58 -17.78
CA ASN A 402 18.09 9.05 -18.74
C ASN A 402 18.33 7.55 -18.99
N LYS A 403 19.60 7.14 -18.95
CA LYS A 403 19.93 5.74 -19.18
C LYS A 403 19.56 4.96 -17.92
N LYS A 404 19.79 5.59 -16.77
CA LYS A 404 19.38 4.99 -15.49
C LYS A 404 17.89 4.71 -15.47
N SER A 405 17.10 5.65 -15.98
CA SER A 405 15.65 5.51 -15.97
C SER A 405 15.18 4.32 -16.75
N ILE A 406 15.80 4.10 -17.91
CA ILE A 406 15.43 3.00 -18.79
C ILE A 406 15.72 1.67 -18.14
N ILE A 407 16.91 1.52 -17.56
CA ILE A 407 17.26 0.18 -17.04
C ILE A 407 16.71 -0.09 -15.63
N LYS A 408 16.38 0.95 -14.89
CA LYS A 408 15.80 0.77 -13.58
C LYS A 408 14.39 0.19 -13.74
N LYS A 409 13.90 0.12 -14.96
CA LYS A 409 12.62 -0.53 -15.21
C LYS A 409 12.76 -2.02 -15.51
N MET A 410 13.99 -2.50 -15.65
CA MET A 410 14.21 -3.89 -16.02
C MET A 410 14.57 -4.69 -14.77
N TYR A 411 13.93 -5.84 -14.61
CA TYR A 411 14.29 -6.70 -13.48
C TYR A 411 15.78 -6.89 -13.30
N ILE A 412 16.46 -7.19 -14.40
CA ILE A 412 17.88 -7.52 -14.44
C ILE A 412 18.75 -6.43 -13.86
N PHE A 413 18.37 -5.18 -14.04
CA PHE A 413 19.22 -4.09 -13.57
C PHE A 413 18.64 -3.41 -12.32
N ARG A 414 17.32 -3.49 -12.19
CA ARG A 414 16.55 -2.80 -11.12
C ARG A 414 17.06 -2.98 -9.68
N TYR A 415 17.59 -4.16 -9.35
CA TYR A 415 17.98 -4.47 -7.98
C TYR A 415 19.48 -4.47 -7.72
N LEU A 416 20.25 -4.11 -8.72
CA LEU A 416 21.69 -3.95 -8.52
C LEU A 416 21.97 -2.76 -7.63
N SER A 417 23.04 -2.81 -6.86
CA SER A 417 23.45 -1.65 -6.10
C SER A 417 23.67 -0.42 -6.99
N GLU A 418 23.55 0.74 -6.36
CA GLU A 418 23.71 2.00 -7.04
C GLU A 418 25.06 2.17 -7.71
N GLN A 419 26.14 1.76 -7.03
CA GLN A 419 27.47 1.83 -7.63
C GLN A 419 27.57 0.87 -8.83
N GLN A 420 26.89 -0.28 -8.75
CA GLN A 420 26.93 -1.24 -9.85
C GLN A 420 26.19 -0.63 -11.05
N CYS A 421 25.01 -0.09 -10.78
CA CYS A 421 24.18 0.57 -11.78
C CYS A 421 24.93 1.70 -12.47
N ASN A 422 25.53 2.59 -11.68
CA ASN A 422 26.34 3.67 -12.23
C ASN A 422 27.49 3.18 -13.11
N LEU A 423 28.20 2.13 -12.67
CA LEU A 423 29.32 1.56 -13.45
C LEU A 423 28.83 1.05 -14.79
N LEU A 424 27.72 0.33 -14.78
CA LEU A 424 27.11 -0.10 -16.04
C LEU A 424 26.76 1.07 -16.97
N ILE A 425 26.01 2.06 -16.46
CA ILE A 425 25.67 3.22 -17.28
C ILE A 425 26.95 3.80 -17.92
N GLU A 426 27.98 4.02 -17.10
CA GLU A 426 29.24 4.57 -17.60
C GLU A 426 29.96 3.69 -18.64
N ALA A 427 29.67 2.38 -18.67
CA ALA A 427 30.32 1.51 -19.65
C ALA A 427 29.62 1.49 -21.01
N PHE A 428 28.42 2.05 -21.10
CA PHE A 428 27.67 2.12 -22.35
C PHE A 428 28.52 2.74 -23.48
N ARG A 429 28.44 2.12 -24.66
CA ARG A 429 29.07 2.65 -25.86
C ARG A 429 27.94 2.97 -26.83
N THR A 430 28.22 3.75 -27.85
CA THR A 430 27.25 4.13 -28.87
C THR A 430 27.70 3.65 -30.24
N THR A 431 26.76 3.16 -31.04
CA THR A 431 27.08 2.86 -32.44
C THR A 431 25.92 3.27 -33.34
N ARG A 432 26.19 3.44 -34.63
CA ARG A 432 25.16 3.87 -35.57
C ARG A 432 24.95 2.84 -36.67
N TYR A 433 23.73 2.74 -37.15
CA TYR A 433 23.41 1.85 -38.25
C TYR A 433 22.77 2.58 -39.46
N GLU A 434 22.90 1.96 -40.63
CA GLU A 434 22.19 2.42 -41.80
C GLU A 434 20.94 1.58 -41.99
N GLU A 435 19.98 2.09 -42.74
CA GLU A 435 18.71 1.41 -42.89
C GLU A 435 18.91 0.01 -43.48
N GLY A 436 18.24 -0.99 -42.91
CA GLY A 436 18.34 -2.34 -43.41
C GLY A 436 19.51 -3.14 -42.88
N ASP A 437 20.41 -2.47 -42.14
CA ASP A 437 21.44 -3.15 -41.37
C ASP A 437 20.80 -4.05 -40.34
N TYR A 438 21.33 -5.26 -40.21
CA TYR A 438 20.93 -6.17 -39.15
C TYR A 438 21.73 -5.85 -37.91
N ILE A 439 21.12 -5.20 -36.93
CA ILE A 439 21.76 -5.04 -35.65
C ILE A 439 22.01 -6.45 -35.05
N ILE A 440 20.99 -7.29 -35.14
CA ILE A 440 21.04 -8.65 -34.68
C ILE A 440 20.47 -9.58 -35.72
N GLN A 441 21.22 -10.65 -35.96
CA GLN A 441 20.81 -11.70 -36.88
CA GLN A 441 20.78 -11.70 -36.87
C GLN A 441 20.31 -12.88 -36.06
N GLU A 442 19.10 -13.33 -36.34
CA GLU A 442 18.53 -14.49 -35.69
C GLU A 442 19.46 -15.69 -35.92
N GLY A 443 19.53 -16.58 -34.92
CA GLY A 443 20.37 -17.77 -35.01
C GLY A 443 21.78 -17.61 -34.49
N GLU A 444 22.31 -16.38 -34.51
CA GLU A 444 23.66 -16.16 -34.04
C GLU A 444 23.74 -16.03 -32.53
N VAL A 445 24.94 -16.19 -31.98
CA VAL A 445 25.16 -16.15 -30.55
C VAL A 445 25.56 -14.74 -30.16
N GLY A 446 24.71 -14.08 -29.37
CA GLY A 446 24.93 -12.68 -29.07
C GLY A 446 25.78 -12.52 -27.84
N SER A 447 26.43 -11.39 -27.74
CA SER A 447 27.07 -11.07 -26.48
C SER A 447 26.79 -9.63 -25.99
N ARG A 448 25.78 -8.97 -26.55
CA ARG A 448 25.58 -7.54 -26.32
C ARG A 448 24.13 -7.15 -25.92
N PHE A 449 23.99 -6.12 -25.10
CA PHE A 449 22.66 -5.59 -24.76
C PHE A 449 22.47 -4.20 -25.38
N TYR A 450 21.30 -3.96 -25.98
CA TYR A 450 21.08 -2.69 -26.71
C TYR A 450 19.90 -1.82 -26.18
N ILE A 451 20.13 -0.51 -26.21
CA ILE A 451 19.10 0.50 -25.98
C ILE A 451 19.05 1.49 -27.14
N ILE A 452 17.88 1.60 -27.78
CA ILE A 452 17.71 2.49 -28.93
C ILE A 452 17.79 3.98 -28.54
N LYS A 453 18.84 4.65 -29.01
CA LYS A 453 19.03 6.05 -28.67
C LYS A 453 18.25 6.97 -29.63
N ASN A 454 18.34 6.68 -30.93
CA ASN A 454 17.70 7.40 -32.02
C ASN A 454 17.16 6.44 -33.06
N GLY A 455 15.86 6.51 -33.35
CA GLY A 455 15.38 5.86 -34.55
C GLY A 455 14.38 4.78 -34.31
N GLU A 456 14.23 3.89 -35.29
CA GLU A 456 13.28 2.79 -35.16
C GLU A 456 13.89 1.51 -35.71
N VAL A 457 13.48 0.36 -35.18
CA VAL A 457 13.95 -0.92 -35.74
C VAL A 457 12.80 -1.89 -35.80
N GLU A 458 12.95 -2.94 -36.59
CA GLU A 458 11.93 -3.96 -36.68
C GLU A 458 12.39 -5.26 -36.06
N VAL A 459 11.48 -5.93 -35.35
CA VAL A 459 11.77 -7.24 -34.81
C VAL A 459 11.14 -8.26 -35.75
N THR A 460 11.96 -9.13 -36.33
CA THR A 460 11.48 -10.08 -37.32
C THR A 460 12.00 -11.48 -37.06
N LYS A 461 11.15 -12.47 -37.28
CA LYS A 461 11.56 -13.87 -37.20
C LYS A 461 11.00 -14.61 -38.40
N ASN A 462 11.87 -15.30 -39.14
CA ASN A 462 11.47 -15.97 -40.38
C ASN A 462 10.88 -15.03 -41.42
N GLY A 463 11.50 -13.87 -41.62
CA GLY A 463 10.96 -12.89 -42.55
C GLY A 463 9.75 -12.14 -42.01
N LYS A 464 8.89 -12.85 -41.28
CA LYS A 464 7.68 -12.26 -40.69
C LYS A 464 8.00 -11.25 -39.58
N ARG A 465 7.57 -10.01 -39.78
CA ARG A 465 7.74 -8.95 -38.79
C ARG A 465 6.96 -9.25 -37.52
N LEU A 466 7.45 -8.76 -36.39
CA LEU A 466 6.81 -9.01 -35.11
C LEU A 466 6.45 -7.73 -34.39
N ARG A 467 7.34 -6.74 -34.44
CA ARG A 467 7.12 -5.50 -33.71
C ARG A 467 8.09 -4.46 -34.18
N THR A 468 7.81 -3.22 -33.81
CA THR A 468 8.70 -2.11 -34.08
C THR A 468 9.11 -1.59 -32.72
N LEU A 469 10.31 -1.02 -32.62
CA LEU A 469 10.80 -0.47 -31.37
C LEU A 469 11.43 0.87 -31.66
N GLY A 470 11.29 1.81 -30.75
CA GLY A 470 11.80 3.15 -31.00
C GLY A 470 12.66 3.66 -29.86
N LYS A 471 12.82 4.98 -29.82
CA LYS A 471 13.66 5.64 -28.84
C LYS A 471 13.39 5.09 -27.45
N ASN A 472 14.49 4.83 -26.72
CA ASN A 472 14.42 4.33 -25.35
C ASN A 472 13.91 2.90 -25.22
N ASP A 473 13.55 2.26 -26.34
CA ASP A 473 13.26 0.84 -26.25
C ASP A 473 14.58 0.08 -26.10
N TYR A 474 14.50 -1.19 -25.73
CA TYR A 474 15.72 -1.97 -25.51
C TYR A 474 15.54 -3.36 -26.01
N PHE A 475 16.64 -4.06 -26.23
CA PHE A 475 16.56 -5.46 -26.65
C PHE A 475 17.89 -6.21 -26.44
N GLY A 476 17.78 -7.54 -26.42
CA GLY A 476 18.96 -8.40 -26.37
C GLY A 476 19.50 -8.79 -25.00
N GLU A 477 18.85 -8.30 -23.94
CA GLU A 477 19.39 -8.42 -22.57
C GLU A 477 19.76 -9.87 -22.14
N ARG A 478 19.09 -10.87 -22.70
CA ARG A 478 19.39 -12.27 -22.35
C ARG A 478 20.84 -12.67 -22.66
N ALA A 479 21.46 -12.02 -23.64
CA ALA A 479 22.85 -12.34 -24.03
C ALA A 479 23.84 -11.95 -22.93
N LEU A 480 23.36 -11.26 -21.89
CA LEU A 480 24.21 -10.87 -20.79
C LEU A 480 24.32 -12.06 -19.81
N LEU A 481 23.31 -12.93 -19.84
CA LEU A 481 23.17 -14.01 -18.89
C LEU A 481 23.43 -15.40 -19.48
N TYR A 482 23.20 -15.56 -20.79
CA TYR A 482 23.28 -16.86 -21.39
C TYR A 482 24.11 -16.87 -22.68
N ASP A 483 24.60 -18.06 -23.01
CA ASP A 483 25.18 -18.34 -24.31
C ASP A 483 24.14 -19.12 -25.10
N GLU A 484 23.52 -18.50 -26.09
CA GLU A 484 22.35 -19.09 -26.74
C GLU A 484 22.13 -18.38 -28.08
N PRO A 485 21.37 -18.99 -29.00
CA PRO A 485 21.14 -18.28 -30.27
C PRO A 485 20.07 -17.18 -30.19
N ARG A 486 20.25 -16.09 -30.92
CA ARG A 486 19.22 -15.05 -31.00
C ARG A 486 17.97 -15.64 -31.61
N THR A 487 16.82 -15.40 -30.98
CA THR A 487 15.57 -15.96 -31.45
C THR A 487 14.88 -15.06 -32.46
N ALA A 488 15.41 -13.85 -32.66
CA ALA A 488 14.82 -12.92 -33.60
C ALA A 488 15.88 -12.02 -34.22
N SER A 489 15.57 -11.48 -35.38
CA SER A 489 16.46 -10.50 -35.96
C SER A 489 15.95 -9.12 -35.61
N ILE A 490 16.86 -8.17 -35.56
CA ILE A 490 16.54 -6.78 -35.34
C ILE A 490 17.13 -6.01 -36.49
N ILE A 491 16.28 -5.27 -37.22
CA ILE A 491 16.73 -4.58 -38.43
C ILE A 491 16.47 -3.07 -38.39
N SER A 492 17.49 -2.30 -38.74
CA SER A 492 17.39 -0.87 -38.76
C SER A 492 16.32 -0.43 -39.78
N LYS A 493 15.17 0.01 -39.28
CA LYS A 493 14.07 0.43 -40.13
C LYS A 493 13.95 1.95 -40.12
N ALA A 494 15.09 2.61 -40.32
CA ALA A 494 15.17 4.06 -40.36
C ALA A 494 16.57 4.49 -40.77
N THR A 495 16.67 5.74 -41.19
CA THR A 495 17.94 6.33 -41.55
C THR A 495 18.73 6.68 -40.29
N SER A 496 19.96 6.21 -40.21
CA SER A 496 20.83 6.53 -39.08
C SER A 496 20.24 6.21 -37.68
N VAL A 497 19.93 4.93 -37.44
CA VAL A 497 19.58 4.47 -36.10
C VAL A 497 20.81 4.45 -35.21
N GLU A 498 20.70 5.03 -34.03
CA GLU A 498 21.76 5.00 -33.03
C GLU A 498 21.38 4.15 -31.80
N CYS A 499 22.33 3.32 -31.36
CA CYS A 499 22.13 2.47 -30.20
C CYS A 499 23.18 2.66 -29.14
N TRP A 500 22.75 2.65 -27.88
CA TRP A 500 23.65 2.43 -26.75
C TRP A 500 23.82 0.92 -26.54
N PHE A 501 25.01 0.47 -26.17
CA PHE A 501 25.13 -0.96 -25.95
C PHE A 501 26.15 -1.31 -24.91
N VAL A 502 25.96 -2.46 -24.28
CA VAL A 502 26.97 -2.94 -23.34
C VAL A 502 27.31 -4.41 -23.62
N ASP A 503 28.58 -4.74 -23.42
CA ASP A 503 29.10 -6.10 -23.64
C ASP A 503 28.92 -7.01 -22.40
N LYS A 504 28.59 -8.28 -22.63
CA LYS A 504 28.58 -9.27 -21.55
C LYS A 504 29.86 -9.20 -20.73
N SER A 505 31.02 -9.07 -21.36
CA SER A 505 32.27 -9.07 -20.57
C SER A 505 32.27 -7.96 -19.53
N VAL A 506 31.76 -6.79 -19.93
CA VAL A 506 31.73 -5.65 -19.02
C VAL A 506 30.75 -5.88 -17.89
N PHE A 507 29.55 -6.37 -18.23
CA PHE A 507 28.53 -6.75 -17.24
C PHE A 507 29.05 -7.77 -16.19
N LEU A 508 29.76 -8.81 -16.66
CA LEU A 508 30.34 -9.84 -15.80
C LEU A 508 31.46 -9.30 -14.90
N GLN A 509 32.15 -8.24 -15.31
CA GLN A 509 33.08 -7.60 -14.38
C GLN A 509 32.36 -6.80 -13.25
N ILE A 510 31.06 -6.56 -13.38
CA ILE A 510 30.39 -5.65 -12.46
C ILE A 510 29.47 -6.39 -11.51
N ILE A 511 28.64 -7.26 -12.07
CA ILE A 511 27.76 -8.05 -11.26
C ILE A 511 28.57 -9.20 -10.62
N GLN A 512 28.24 -9.51 -9.37
CA GLN A 512 28.95 -10.50 -8.59
C GLN A 512 28.20 -11.82 -8.56
N GLY A 513 28.88 -12.89 -8.15
CA GLY A 513 28.33 -14.22 -8.21
C GLY A 513 26.90 -14.46 -7.74
N PRO A 514 26.57 -14.05 -6.50
CA PRO A 514 25.25 -14.45 -5.97
C PRO A 514 24.08 -13.81 -6.70
N MET A 515 24.20 -12.51 -7.02
CA MET A 515 23.23 -11.84 -7.89
C MET A 515 23.22 -12.50 -9.28
N LEU A 516 24.39 -12.67 -9.87
CA LEU A 516 24.42 -13.35 -11.19
C LEU A 516 23.69 -14.69 -11.14
N THR A 517 23.96 -15.49 -10.09
CA THR A 517 23.30 -16.80 -9.95
C THR A 517 21.79 -16.67 -9.84
N HIS A 518 21.33 -15.73 -9.00
CA HIS A 518 19.92 -15.43 -8.89
C HIS A 518 19.29 -15.05 -10.23
N LEU A 519 19.90 -14.13 -10.96
CA LEU A 519 19.34 -13.75 -12.29
C LEU A 519 19.37 -14.93 -13.29
N GLU A 520 20.51 -15.63 -13.33
CA GLU A 520 20.68 -16.79 -14.23
CA GLU A 520 20.67 -16.76 -14.25
C GLU A 520 19.56 -17.80 -14.09
N GLU A 521 19.32 -18.21 -12.84
CA GLU A 521 18.31 -19.20 -12.53
C GLU A 521 16.88 -18.72 -12.70
N ARG A 522 16.68 -17.41 -12.60
CA ARG A 522 15.33 -16.89 -12.58
C ARG A 522 14.80 -16.66 -13.98
N ILE A 523 15.58 -15.98 -14.81
CA ILE A 523 15.09 -15.67 -16.14
C ILE A 523 14.84 -16.97 -16.93
N LYS A 524 15.81 -17.88 -16.88
CA LYS A 524 15.73 -19.19 -17.54
C LYS A 524 14.41 -19.88 -17.19
N MET A 525 14.26 -20.12 -15.87
CA MET A 525 13.09 -20.78 -15.32
C MET A 525 11.79 -20.08 -15.71
N GLN A 526 11.75 -18.75 -15.56
CA GLN A 526 10.57 -17.94 -15.93
C GLN A 526 10.04 -18.24 -17.33
N ASP A 527 10.95 -18.09 -18.30
CA ASP A 527 10.61 -18.01 -19.70
C ASP A 527 10.50 -19.38 -20.37
N THR A 528 11.12 -20.40 -19.77
CA THR A 528 10.97 -21.78 -20.23
C THR A 528 9.49 -22.17 -20.35
N LYS A 529 9.12 -22.74 -21.50
CA LYS A 529 7.78 -23.30 -21.67
C LYS A 529 7.72 -24.69 -21.02
N VAL A 530 6.67 -24.97 -20.26
CA VAL A 530 6.59 -26.24 -19.55
C VAL A 530 5.18 -26.82 -19.64
N GLU A 531 5.11 -28.13 -19.90
CA GLU A 531 3.84 -28.84 -20.00
C GLU A 531 3.78 -29.92 -18.93
N MET A 532 2.58 -30.32 -18.55
CA MET A 532 2.41 -31.24 -17.43
C MET A 532 3.10 -32.59 -17.64
N HIS A 533 2.94 -33.18 -18.83
CA HIS A 533 3.51 -34.50 -19.15
C HIS A 533 5.04 -34.46 -19.23
N GLU A 534 5.59 -33.25 -19.38
CA GLU A 534 7.03 -33.05 -19.42
C GLU A 534 7.60 -33.09 -18.01
N LEU A 535 6.71 -33.20 -17.03
CA LEU A 535 7.09 -33.09 -15.63
C LEU A 535 7.13 -34.42 -14.90
N GLU A 536 8.28 -34.71 -14.33
CA GLU A 536 8.51 -35.92 -13.58
C GLU A 536 8.54 -35.59 -12.08
N THR A 537 7.60 -36.18 -11.33
CA THR A 537 7.56 -35.98 -9.88
C THR A 537 8.82 -36.60 -9.24
N GLU A 538 9.14 -36.17 -8.03
CA GLU A 538 10.28 -36.66 -7.27
C GLU A 538 9.78 -36.89 -5.84
N ARG A 539 10.44 -36.35 -4.83
CA ARG A 539 9.97 -36.50 -3.45
C ARG A 539 8.86 -35.50 -3.13
N ILE A 540 8.06 -35.79 -2.12
CA ILE A 540 7.01 -34.87 -1.68
C ILE A 540 7.53 -33.95 -0.58
N ILE A 541 7.04 -32.72 -0.52
CA ILE A 541 7.58 -31.75 0.43
C ILE A 541 6.55 -30.87 1.14
N GLY A 542 5.30 -31.31 1.21
CA GLY A 542 4.26 -30.55 1.90
C GLY A 542 2.87 -31.15 1.83
N ARG A 543 2.24 -31.36 2.98
CA ARG A 543 0.89 -31.93 3.07
C ARG A 543 -0.10 -30.96 3.74
N GLY A 544 -1.36 -31.00 3.29
CA GLY A 544 -2.40 -30.16 3.86
C GLY A 544 -3.75 -30.31 3.17
N GLY A 547 -3.45 -27.90 0.32
CA GLY A 547 -3.31 -28.99 -0.63
C GLY A 547 -2.06 -29.83 -0.40
N THR A 548 -1.36 -30.18 -1.49
CA THR A 548 -0.09 -30.92 -1.40
C THR A 548 0.95 -30.40 -2.40
N VAL A 549 2.22 -30.40 -1.98
CA VAL A 549 3.30 -29.82 -2.78
C VAL A 549 4.40 -30.83 -3.07
N LYS A 550 4.70 -31.03 -4.34
CA LYS A 550 5.70 -32.01 -4.77
C LYS A 550 6.90 -31.35 -5.45
N LEU A 551 8.09 -31.86 -5.16
CA LEU A 551 9.30 -31.47 -5.88
C LEU A 551 9.30 -32.16 -7.23
N VAL A 552 9.02 -31.42 -8.31
CA VAL A 552 8.95 -32.01 -9.64
C VAL A 552 10.18 -31.68 -10.47
N HIS A 553 10.29 -32.32 -11.63
CA HIS A 553 11.54 -32.37 -12.38
C HIS A 553 11.24 -32.28 -13.88
N HIS A 554 11.47 -31.13 -14.49
CA HIS A 554 11.21 -30.95 -15.92
C HIS A 554 12.16 -31.82 -16.73
N LYS A 555 11.60 -32.80 -17.45
CA LYS A 555 12.39 -33.73 -18.25
C LYS A 555 13.23 -33.04 -19.33
N PRO A 556 12.62 -32.13 -20.13
CA PRO A 556 13.44 -31.54 -21.20
C PRO A 556 14.63 -30.72 -20.73
N THR A 557 14.51 -30.03 -19.61
CA THR A 557 15.52 -29.05 -19.19
C THR A 557 16.33 -29.48 -17.98
N GLN A 558 15.82 -30.48 -17.25
CA GLN A 558 16.39 -30.91 -15.97
C GLN A 558 16.19 -29.87 -14.86
N ILE A 559 15.55 -28.75 -15.19
CA ILE A 559 15.23 -27.72 -14.20
C ILE A 559 14.21 -28.26 -13.22
N ARG A 560 14.54 -28.18 -11.93
CA ARG A 560 13.61 -28.62 -10.90
C ARG A 560 12.75 -27.47 -10.40
N TYR A 561 11.46 -27.76 -10.21
CA TYR A 561 10.48 -26.80 -9.76
C TYR A 561 9.76 -27.30 -8.51
N ALA A 562 8.77 -26.53 -8.05
CA ALA A 562 7.85 -27.02 -7.04
C ALA A 562 6.43 -26.96 -7.59
N LEU A 563 5.63 -27.96 -7.26
CA LEU A 563 4.26 -28.01 -7.77
C LEU A 563 3.26 -28.19 -6.62
N LYS A 564 2.47 -27.15 -6.38
CA LYS A 564 1.43 -27.22 -5.37
C LYS A 564 0.16 -27.79 -5.99
N CYS A 565 -0.38 -28.82 -5.36
CA CYS A 565 -1.58 -29.48 -5.84
C CYS A 565 -2.73 -29.21 -4.87
N VAL A 566 -3.68 -28.40 -5.31
CA VAL A 566 -4.80 -27.99 -4.47
C VAL A 566 -6.08 -28.74 -4.85
N SER A 567 -6.49 -29.68 -3.99
CA SER A 567 -7.67 -30.53 -4.22
C SER A 567 -8.88 -29.69 -4.61
N LYS A 568 -9.50 -30.03 -5.73
CA LYS A 568 -10.64 -29.29 -6.26
C LYS A 568 -11.85 -29.42 -5.33
N ARG A 569 -11.84 -30.46 -4.52
CA ARG A 569 -12.89 -30.68 -3.53
C ARG A 569 -12.82 -29.62 -2.42
N SER A 570 -11.65 -29.03 -2.26
CA SER A 570 -11.46 -27.97 -1.28
C SER A 570 -12.18 -26.68 -1.69
N ILE A 571 -12.67 -26.65 -2.93
CA ILE A 571 -13.46 -25.53 -3.43
C ILE A 571 -14.84 -25.48 -2.77
N ILE A 572 -14.86 -25.02 -1.51
CA ILE A 572 -16.10 -24.90 -0.74
C ILE A 572 -17.09 -23.91 -1.38
N GLN A 577 -13.30 -20.49 -1.93
CA GLN A 577 -14.38 -20.43 -2.90
C GLN A 577 -13.97 -19.67 -4.18
N ASN A 578 -14.32 -18.39 -4.25
CA ASN A 578 -14.01 -17.54 -5.41
C ASN A 578 -12.58 -16.97 -5.36
N ASN A 579 -12.01 -16.94 -4.17
CA ASN A 579 -10.73 -16.29 -3.94
C ASN A 579 -9.54 -16.92 -4.69
N ILE A 580 -9.71 -18.14 -5.19
CA ILE A 580 -8.64 -18.83 -5.91
C ILE A 580 -8.39 -18.16 -7.25
N LYS A 581 -9.45 -17.67 -7.86
CA LYS A 581 -9.30 -16.93 -9.09
C LYS A 581 -8.51 -15.66 -8.79
N LEU A 582 -8.75 -15.08 -7.62
CA LEU A 582 -8.07 -13.84 -7.21
C LEU A 582 -6.64 -14.08 -6.72
N GLU A 583 -6.42 -15.15 -5.97
CA GLU A 583 -5.06 -15.51 -5.55
C GLU A 583 -4.15 -15.77 -6.75
N ARG A 584 -4.66 -16.52 -7.72
CA ARG A 584 -3.89 -16.80 -8.94
C ARG A 584 -3.51 -15.52 -9.68
N GLU A 585 -4.44 -14.58 -9.77
CA GLU A 585 -4.15 -13.28 -10.39
C GLU A 585 -2.96 -12.61 -9.69
N ILE A 586 -3.04 -12.45 -8.37
CA ILE A 586 -1.98 -11.81 -7.59
C ILE A 586 -0.67 -12.58 -7.69
N THR A 587 -0.71 -13.90 -7.49
CA THR A 587 0.50 -14.70 -7.54
C THR A 587 1.24 -14.64 -8.88
N ALA A 588 0.51 -14.46 -9.97
CA ALA A 588 1.13 -14.42 -11.29
C ALA A 588 1.80 -13.07 -11.57
N GLU A 589 1.26 -12.00 -11.02
CA GLU A 589 1.77 -10.68 -11.30
C GLU A 589 3.06 -10.33 -10.55
N ASN A 590 3.33 -11.05 -9.46
CA ASN A 590 4.44 -10.73 -8.56
C ASN A 590 5.82 -11.01 -9.20
N ASP A 591 6.64 -9.97 -9.27
CA ASP A 591 7.94 -10.05 -9.89
C ASP A 591 8.97 -9.30 -9.04
N HIS A 592 9.26 -9.86 -7.89
CA HIS A 592 10.18 -9.28 -6.95
C HIS A 592 11.13 -10.35 -6.47
N PRO A 593 12.39 -10.01 -6.19
CA PRO A 593 13.33 -11.04 -5.74
C PRO A 593 12.95 -11.72 -4.41
N PHE A 594 12.20 -11.06 -3.53
CA PHE A 594 11.87 -11.58 -2.20
C PHE A 594 10.42 -12.06 -2.16
N ILE A 595 9.83 -12.26 -3.33
CA ILE A 595 8.50 -12.87 -3.42
C ILE A 595 8.57 -14.07 -4.37
N ILE A 596 7.93 -15.16 -3.99
CA ILE A 596 7.92 -16.39 -4.77
C ILE A 596 7.50 -16.12 -6.23
N ARG A 597 8.26 -16.68 -7.17
CA ARG A 597 7.94 -16.46 -8.57
C ARG A 597 7.13 -17.61 -9.17
N LEU A 598 5.91 -17.31 -9.57
CA LEU A 598 5.07 -18.28 -10.26
C LEU A 598 5.54 -18.51 -11.71
N VAL A 599 5.55 -19.76 -12.16
CA VAL A 599 5.94 -20.04 -13.53
C VAL A 599 4.72 -20.16 -14.44
N ARG A 600 3.90 -21.16 -14.15
CA ARG A 600 2.66 -21.38 -14.88
C ARG A 600 1.64 -22.05 -13.96
N THR A 601 0.37 -21.99 -14.34
CA THR A 601 -0.70 -22.70 -13.63
C THR A 601 -1.36 -23.76 -14.52
N PHE A 602 -1.53 -24.96 -13.97
CA PHE A 602 -2.17 -26.06 -14.68
C PHE A 602 -3.47 -26.48 -13.97
N LYS A 603 -4.39 -27.11 -14.72
CA LYS A 603 -5.68 -27.54 -14.17
C LYS A 603 -6.18 -28.87 -14.75
N ASP A 604 -7.00 -29.58 -13.98
CA ASP A 604 -7.71 -30.74 -14.52
C ASP A 604 -8.99 -31.06 -13.74
N SER A 605 -9.44 -32.31 -13.87
CA SER A 605 -10.70 -32.77 -13.31
C SER A 605 -10.76 -32.66 -11.79
N ASN A 606 -9.70 -33.09 -11.13
CA ASN A 606 -9.71 -33.26 -9.68
C ASN A 606 -8.87 -32.27 -8.87
N CYS A 607 -8.10 -31.42 -9.54
CA CYS A 607 -7.08 -30.66 -8.82
C CYS A 607 -6.54 -29.42 -9.56
N PHE A 608 -6.32 -28.33 -8.81
CA PHE A 608 -5.62 -27.13 -9.33
C PHE A 608 -4.11 -27.26 -9.15
N TYR A 609 -3.35 -26.55 -9.98
CA TYR A 609 -1.88 -26.66 -9.93
C TYR A 609 -1.15 -25.31 -10.01
N PHE A 610 -0.16 -25.15 -9.15
CA PHE A 610 0.73 -24.01 -9.16
C PHE A 610 2.17 -24.44 -9.38
N LEU A 611 2.77 -24.02 -10.49
CA LEU A 611 4.17 -24.32 -10.74
C LEU A 611 5.03 -23.10 -10.42
N THR A 612 5.89 -23.24 -9.41
CA THR A 612 6.71 -22.12 -8.97
C THR A 612 8.16 -22.51 -8.90
N GLU A 613 9.03 -21.53 -8.71
CA GLU A 613 10.42 -21.81 -8.41
C GLU A 613 10.50 -22.67 -7.15
N LEU A 614 11.58 -23.44 -7.03
CA LEU A 614 11.78 -24.28 -5.86
C LEU A 614 12.66 -23.53 -4.86
N VAL A 615 12.23 -23.49 -3.60
CA VAL A 615 12.97 -22.78 -2.56
C VAL A 615 13.43 -23.80 -1.50
N THR A 616 14.74 -23.86 -1.23
CA THR A 616 15.31 -25.03 -0.58
C THR A 616 15.89 -24.79 0.81
N GLY A 617 15.81 -23.57 1.31
CA GLY A 617 16.43 -23.23 2.58
C GLY A 617 15.54 -23.32 3.81
N GLY A 618 14.28 -23.72 3.64
CA GLY A 618 13.38 -23.88 4.76
C GLY A 618 12.59 -22.63 5.19
N GLU A 619 11.85 -22.73 6.28
CA GLU A 619 11.07 -21.60 6.77
C GLU A 619 11.89 -20.67 7.66
N LEU A 620 11.57 -19.37 7.62
CA LEU A 620 12.16 -18.41 8.55
C LEU A 620 11.69 -18.76 9.97
N TYR A 621 10.51 -19.37 10.06
CA TYR A 621 9.99 -19.85 11.34
C TYR A 621 11.04 -20.75 12.03
N ASP A 622 11.75 -21.55 11.24
CA ASP A 622 12.78 -22.45 11.79
C ASP A 622 14.16 -21.79 11.90
N ALA A 623 14.50 -20.91 10.98
CA ALA A 623 15.77 -20.18 11.08
C ALA A 623 15.88 -19.34 12.37
N ILE A 624 14.83 -18.64 12.76
CA ILE A 624 14.94 -17.84 13.99
C ILE A 624 15.02 -18.75 15.23
N ARG A 625 14.24 -19.83 15.26
CA ARG A 625 14.37 -20.80 16.36
C ARG A 625 15.76 -21.48 16.41
N LYS A 626 16.49 -21.51 15.31
CA LYS A 626 17.85 -22.00 15.32
C LYS A 626 18.87 -20.92 15.73
N LEU A 627 18.56 -19.67 15.43
CA LEU A 627 19.45 -18.58 15.79
C LEU A 627 19.21 -18.13 17.23
N GLY A 628 18.00 -18.35 17.73
CA GLY A 628 17.64 -17.91 19.06
C GLY A 628 17.14 -16.47 19.00
N LEU A 629 17.79 -15.58 19.76
CA LEU A 629 17.44 -14.15 19.74
C LEU A 629 18.35 -13.46 18.75
N LEU A 630 17.76 -12.72 17.81
CA LEU A 630 18.56 -12.17 16.73
C LEU A 630 19.35 -10.99 17.19
N SER A 631 20.60 -10.92 16.77
CA SER A 631 21.35 -9.71 16.97
C SER A 631 20.72 -8.57 16.10
N LYS A 632 21.17 -7.34 16.28
CA LYS A 632 20.60 -6.25 15.48
C LYS A 632 20.83 -6.44 13.96
N PRO A 633 22.09 -6.71 13.55
CA PRO A 633 22.35 -6.97 12.11
C PRO A 633 21.49 -8.08 11.53
N GLN A 634 21.21 -9.10 12.31
CA GLN A 634 20.43 -10.22 11.81
C GLN A 634 18.97 -9.87 11.69
N ALA A 635 18.40 -9.15 12.68
CA ALA A 635 17.03 -8.64 12.57
C ALA A 635 16.91 -7.54 11.48
N GLN A 636 17.93 -6.69 11.35
CA GLN A 636 17.91 -5.73 10.20
C GLN A 636 17.73 -6.47 8.88
N PHE A 637 18.51 -7.55 8.70
CA PHE A 637 18.54 -8.29 7.44
C PHE A 637 17.19 -8.85 7.08
N TYR A 638 16.60 -9.60 8.00
CA TYR A 638 15.33 -10.26 7.69
C TYR A 638 14.16 -9.31 7.68
N LEU A 639 14.13 -8.36 8.63
CA LEU A 639 13.03 -7.41 8.66
C LEU A 639 13.15 -6.50 7.44
N GLY A 640 14.37 -6.10 7.14
CA GLY A 640 14.62 -5.32 5.92
C GLY A 640 14.14 -6.03 4.64
N SER A 641 14.44 -7.33 4.54
CA SER A 641 13.98 -8.16 3.42
C SER A 641 12.46 -8.18 3.32
N ILE A 642 11.80 -8.38 4.44
CA ILE A 642 10.34 -8.47 4.46
C ILE A 642 9.77 -7.14 4.06
N ILE A 643 10.41 -6.08 4.53
CA ILE A 643 9.95 -4.72 4.24
C ILE A 643 9.97 -4.45 2.73
N LEU A 644 11.06 -4.82 2.04
CA LEU A 644 11.12 -4.62 0.57
C LEU A 644 9.99 -5.38 -0.13
N ALA A 645 9.70 -6.59 0.32
CA ALA A 645 8.63 -7.36 -0.31
C ALA A 645 7.30 -6.71 -0.08
N ILE A 646 7.04 -6.30 1.16
CA ILE A 646 5.76 -5.73 1.52
C ILE A 646 5.56 -4.41 0.81
N GLU A 647 6.59 -3.59 0.79
CA GLU A 647 6.57 -2.31 0.05
C GLU A 647 6.20 -2.51 -1.43
N TYR A 648 6.77 -3.53 -2.06
CA TYR A 648 6.49 -3.86 -3.46
C TYR A 648 5.00 -4.14 -3.66
N LEU A 649 4.42 -4.99 -2.82
CA LEU A 649 2.97 -5.27 -2.87
C LEU A 649 2.08 -4.04 -2.65
N HIS A 650 2.48 -3.16 -1.75
CA HIS A 650 1.63 -2.01 -1.39
C HIS A 650 1.61 -1.03 -2.56
N GLU A 651 2.74 -0.90 -3.24
CA GLU A 651 2.82 -0.07 -4.44
C GLU A 651 1.83 -0.58 -5.47
N ARG A 652 1.52 -1.87 -5.44
CA ARG A 652 0.52 -2.40 -6.36
C ARG A 652 -0.83 -2.54 -5.69
N ASN A 653 -1.05 -1.77 -4.62
CA ASN A 653 -2.29 -1.81 -3.86
C ASN A 653 -2.76 -3.19 -3.43
N ILE A 654 -1.82 -4.01 -2.98
CA ILE A 654 -2.12 -5.33 -2.49
C ILE A 654 -1.82 -5.35 -1.03
N VAL A 655 -2.79 -5.78 -0.21
CA VAL A 655 -2.51 -5.95 1.20
C VAL A 655 -2.29 -7.45 1.39
N TYR A 656 -1.20 -7.81 2.06
CA TYR A 656 -0.85 -9.22 2.26
C TYR A 656 -1.75 -9.92 3.29
N ARG A 657 -1.87 -9.31 4.46
CA ARG A 657 -2.80 -9.69 5.52
C ARG A 657 -2.47 -10.97 6.31
N ASP A 658 -1.45 -11.72 5.93
CA ASP A 658 -1.08 -12.89 6.73
C ASP A 658 0.41 -12.98 6.94
N LEU A 659 1.06 -11.84 7.18
CA LEU A 659 2.49 -11.85 7.47
C LEU A 659 2.80 -12.53 8.82
N LYS A 660 3.68 -13.52 8.77
CA LYS A 660 4.21 -14.26 9.92
C LYS A 660 5.41 -15.08 9.44
N PRO A 661 6.33 -15.45 10.35
CA PRO A 661 7.51 -16.24 9.93
C PRO A 661 7.16 -17.54 9.18
N GLU A 662 6.03 -18.17 9.49
CA GLU A 662 5.63 -19.41 8.80
C GLU A 662 5.57 -19.29 7.27
N ASN A 663 5.18 -18.10 6.81
CA ASN A 663 4.88 -17.81 5.42
C ASN A 663 6.05 -17.22 4.66
N ILE A 664 7.26 -17.35 5.21
CA ILE A 664 8.47 -16.88 4.55
C ILE A 664 9.48 -18.00 4.42
N LEU A 665 9.94 -18.27 3.20
CA LEU A 665 10.96 -19.28 2.97
C LEU A 665 12.32 -18.64 2.75
N LEU A 666 13.37 -19.41 2.91
CA LEU A 666 14.74 -18.94 2.62
C LEU A 666 15.23 -19.68 1.40
N ASP A 667 15.80 -18.96 0.44
CA ASP A 667 16.37 -19.63 -0.70
C ASP A 667 17.76 -20.14 -0.30
N LYS A 668 18.44 -20.84 -1.18
CA LYS A 668 19.68 -21.51 -0.79
C LYS A 668 20.81 -20.53 -0.55
N GLN A 669 20.65 -19.27 -0.93
CA GLN A 669 21.67 -18.29 -0.61
C GLN A 669 21.33 -17.61 0.77
N GLY A 670 20.17 -17.92 1.35
CA GLY A 670 19.80 -17.39 2.65
C GLY A 670 18.98 -16.09 2.64
N TYR A 671 18.56 -15.67 1.45
CA TYR A 671 17.66 -14.55 1.23
C TYR A 671 16.24 -15.07 1.25
N VAL A 672 15.27 -14.20 1.55
CA VAL A 672 13.92 -14.67 1.86
C VAL A 672 13.01 -14.67 0.65
N LYS A 673 11.91 -15.40 0.77
CA LYS A 673 10.84 -15.38 -0.21
C LYS A 673 9.48 -15.49 0.50
N LEU A 674 8.62 -14.51 0.29
CA LEU A 674 7.26 -14.50 0.79
C LEU A 674 6.44 -15.50 -0.04
N ILE A 675 5.64 -16.36 0.58
CA ILE A 675 5.01 -17.44 -0.21
C ILE A 675 3.50 -17.71 -0.17
N ASP A 676 2.78 -17.39 0.88
CA ASP A 676 1.37 -17.79 0.94
C ASP A 676 0.46 -16.60 0.71
N PHE A 677 -0.19 -16.57 -0.45
CA PHE A 677 -0.98 -15.41 -0.84
C PHE A 677 -2.48 -15.66 -0.73
N GLY A 678 -2.83 -16.71 -0.02
CA GLY A 678 -4.20 -17.02 0.33
C GLY A 678 -4.97 -15.84 0.91
N CYS A 679 -4.36 -15.07 1.81
CA CYS A 679 -5.10 -13.97 2.42
C CYS A 679 -4.88 -12.59 1.77
N ALA A 680 -4.11 -12.54 0.69
CA ALA A 680 -3.79 -11.27 0.07
C ALA A 680 -4.96 -10.71 -0.75
N LYS A 681 -5.02 -9.40 -0.86
CA LYS A 681 -6.14 -8.78 -1.55
C LYS A 681 -5.75 -7.44 -2.18
N LYS A 682 -6.23 -7.20 -3.40
CA LYS A 682 -6.10 -5.90 -4.06
C LYS A 682 -7.13 -5.02 -3.43
N ILE A 683 -6.70 -3.97 -2.74
CA ILE A 683 -7.62 -3.15 -1.98
C ILE A 683 -8.26 -2.07 -2.82
N GLN A 684 -9.57 -1.91 -2.64
CA GLN A 684 -10.34 -0.84 -3.25
C GLN A 684 -11.02 -0.03 -2.16
N GLY A 685 -10.38 1.04 -1.73
CA GLY A 685 -10.85 1.77 -0.56
C GLY A 685 -10.56 0.92 0.66
N ARG A 686 -11.43 0.97 1.64
CA ARG A 686 -11.17 0.23 2.87
C ARG A 686 -11.56 -1.24 2.75
N ALA A 687 -10.81 -2.11 3.42
CA ALA A 687 -11.21 -3.49 3.58
C ALA A 687 -11.89 -3.68 4.93
N TYR A 688 -12.79 -4.66 5.02
CA TYR A 688 -13.52 -4.92 6.26
C TYR A 688 -13.50 -6.39 6.68
N THR A 689 -13.18 -7.28 5.75
CA THR A 689 -13.27 -8.71 6.05
C THR A 689 -12.27 -9.13 7.13
N LEU A 690 -12.72 -9.91 8.11
CA LEU A 690 -11.80 -10.35 9.13
C LEU A 690 -11.05 -11.58 8.63
N VAL A 691 -9.77 -11.39 8.38
CA VAL A 691 -8.91 -12.41 7.79
C VAL A 691 -7.53 -12.31 8.43
N GLY A 692 -6.86 -13.45 8.62
CA GLY A 692 -5.50 -13.42 9.11
C GLY A 692 -5.22 -14.46 10.16
N THR A 693 -4.04 -14.38 10.75
CA THR A 693 -3.65 -15.22 11.88
C THR A 693 -3.66 -14.38 13.16
N PRO A 694 -4.54 -14.73 14.13
CA PRO A 694 -4.86 -13.88 15.30
C PRO A 694 -3.67 -13.20 15.96
N HIS A 695 -2.60 -13.91 16.28
CA HIS A 695 -1.45 -13.27 16.93
C HIS A 695 -0.82 -12.14 16.11
N TYR A 696 -1.07 -12.13 14.80
CA TYR A 696 -0.45 -11.15 13.93
C TYR A 696 -1.44 -10.09 13.47
N MET A 697 -2.71 -10.21 13.82
CA MET A 697 -3.72 -9.33 13.24
C MET A 697 -3.67 -7.96 13.92
N ALA A 698 -3.94 -6.93 13.12
CA ALA A 698 -3.91 -5.56 13.60
C ALA A 698 -5.19 -5.19 14.34
N PRO A 699 -5.07 -4.31 15.32
CA PRO A 699 -6.25 -3.84 16.05
C PRO A 699 -7.37 -3.41 15.13
N GLU A 700 -7.05 -2.73 14.02
CA GLU A 700 -8.08 -2.08 13.21
C GLU A 700 -8.90 -3.10 12.41
N VAL A 701 -8.31 -4.28 12.15
CA VAL A 701 -9.02 -5.38 11.51
C VAL A 701 -10.12 -5.90 12.45
N ILE A 702 -9.74 -6.14 13.70
CA ILE A 702 -10.65 -6.62 14.74
C ILE A 702 -11.78 -5.63 15.01
N LEU A 703 -11.43 -4.36 15.14
CA LEU A 703 -12.40 -3.34 15.51
C LEU A 703 -13.48 -3.09 14.44
N GLY A 704 -13.25 -3.55 13.21
CA GLY A 704 -14.28 -3.51 12.18
C GLY A 704 -14.68 -2.18 11.57
N LYS A 705 -13.90 -1.12 11.78
CA LYS A 705 -14.26 0.16 11.17
C LYS A 705 -13.41 0.44 9.92
N GLY A 706 -12.82 -0.60 9.36
CA GLY A 706 -12.10 -0.47 8.09
C GLY A 706 -10.59 -0.45 8.22
N TYR A 707 -9.92 -1.01 7.24
CA TYR A 707 -8.46 -1.00 7.21
C TYR A 707 -7.88 -1.05 5.81
N GLY A 708 -6.59 -0.79 5.70
CA GLY A 708 -5.87 -0.89 4.43
C GLY A 708 -4.59 -1.71 4.52
N CYS A 709 -3.65 -1.37 3.64
CA CYS A 709 -2.36 -2.03 3.53
C CYS A 709 -1.53 -1.95 4.81
N THR A 710 -1.77 -0.92 5.60
CA THR A 710 -0.96 -0.68 6.79
C THR A 710 -1.13 -1.72 7.92
N VAL A 711 -2.05 -2.66 7.76
CA VAL A 711 -2.10 -3.74 8.74
C VAL A 711 -0.87 -4.62 8.58
N ASP A 712 -0.26 -4.63 7.38
CA ASP A 712 0.94 -5.45 7.14
C ASP A 712 2.10 -4.87 7.94
N ILE A 713 2.02 -3.58 8.25
CA ILE A 713 3.08 -2.89 8.97
C ILE A 713 3.02 -3.20 10.47
N TRP A 714 1.80 -3.32 11.00
CA TRP A 714 1.61 -3.79 12.37
C TRP A 714 2.29 -5.16 12.51
N ALA A 715 2.02 -6.08 11.58
CA ALA A 715 2.60 -7.43 11.65
C ALA A 715 4.12 -7.43 11.57
N LEU A 716 4.68 -6.46 10.86
CA LEU A 716 6.13 -6.28 10.85
C LEU A 716 6.63 -6.13 12.26
N GLY A 717 5.93 -5.30 13.03
CA GLY A 717 6.22 -5.08 14.43
C GLY A 717 6.15 -6.35 15.25
N VAL A 718 5.09 -7.14 15.06
CA VAL A 718 4.99 -8.42 15.73
C VAL A 718 6.20 -9.29 15.45
N CYS A 719 6.59 -9.35 14.17
CA CYS A 719 7.72 -10.17 13.71
C CYS A 719 9.01 -9.68 14.34
N LEU A 720 9.22 -8.37 14.32
CA LEU A 720 10.45 -7.82 14.87
C LEU A 720 10.56 -8.13 16.35
N TYR A 721 9.39 -8.13 17.01
CA TYR A 721 9.36 -8.34 18.45
C TYR A 721 9.82 -9.78 18.72
N GLU A 722 9.20 -10.76 18.04
CA GLU A 722 9.69 -12.15 18.11
C GLU A 722 11.17 -12.25 17.80
N PHE A 723 11.66 -11.48 16.81
CA PHE A 723 13.08 -11.61 16.41
C PHE A 723 13.95 -11.21 17.60
N ILE A 724 13.67 -10.03 18.15
CA ILE A 724 14.52 -9.39 19.16
C ILE A 724 14.18 -9.84 20.61
N CYS A 725 12.89 -9.94 20.93
CA CYS A 725 12.51 -10.21 22.32
C CYS A 725 12.30 -11.70 22.59
N GLY A 726 11.80 -12.45 21.61
CA GLY A 726 11.64 -13.88 21.71
C GLY A 726 10.18 -14.31 21.58
N PRO A 727 9.38 -14.08 22.64
CA PRO A 727 7.94 -14.44 22.54
C PRO A 727 7.14 -13.42 21.72
N LEU A 728 5.89 -13.74 21.46
CA LEU A 728 4.97 -12.85 20.83
C LEU A 728 4.66 -11.69 21.77
N PRO A 729 4.24 -10.53 21.23
CA PRO A 729 4.03 -9.37 22.10
C PRO A 729 2.65 -9.36 22.76
N PHE A 730 1.67 -10.05 22.18
CA PHE A 730 0.31 -10.08 22.70
C PHE A 730 -0.19 -11.53 22.59
N GLY A 731 -0.99 -11.95 23.59
CA GLY A 731 -1.61 -13.27 23.62
C GLY A 731 -0.60 -14.39 23.58
N ASN A 732 0.59 -14.12 24.07
CA ASN A 732 1.69 -15.05 23.90
C ASN A 732 1.43 -16.46 24.47
N ASP A 733 0.82 -16.55 25.64
CA ASP A 733 0.54 -17.91 26.13
C ASP A 733 -0.95 -18.18 26.12
N GLN A 734 -1.69 -17.38 25.35
CA GLN A 734 -3.13 -17.54 25.22
C GLN A 734 -3.54 -18.49 24.09
N GLU A 735 -4.50 -19.36 24.39
CA GLU A 735 -5.06 -20.27 23.39
C GLU A 735 -6.35 -19.70 22.79
N ASP A 736 -7.24 -19.26 23.68
CA ASP A 736 -8.53 -18.68 23.31
C ASP A 736 -8.38 -17.53 22.33
N GLN A 737 -9.06 -17.64 21.20
CA GLN A 737 -9.01 -16.61 20.17
C GLN A 737 -9.43 -15.24 20.71
N LEU A 738 -10.43 -15.24 21.58
CA LEU A 738 -10.95 -14.00 22.16
C LEU A 738 -9.94 -13.34 23.08
N GLU A 739 -9.24 -14.14 23.86
CA GLU A 739 -8.30 -13.55 24.80
C GLU A 739 -7.07 -12.99 24.06
N ILE A 740 -6.71 -13.61 22.94
CA ILE A 740 -5.66 -13.09 22.07
C ILE A 740 -6.06 -11.71 21.51
N PHE A 741 -7.25 -11.62 20.92
CA PHE A 741 -7.75 -10.35 20.41
C PHE A 741 -7.80 -9.26 21.48
N ARG A 742 -8.22 -9.61 22.70
CA ARG A 742 -8.35 -8.64 23.79
C ARG A 742 -7.00 -8.10 24.20
N ASP A 743 -5.99 -8.97 24.25
CA ASP A 743 -4.66 -8.51 24.57
C ASP A 743 -4.13 -7.57 23.45
N ILE A 744 -4.51 -7.87 22.21
CA ILE A 744 -4.13 -7.04 21.07
C ILE A 744 -4.82 -5.68 21.18
N LEU A 745 -6.10 -5.68 21.53
CA LEU A 745 -6.83 -4.42 21.59
C LEU A 745 -6.46 -3.56 22.79
N THR A 746 -6.20 -4.17 23.95
CA THR A 746 -6.05 -3.37 25.17
C THR A 746 -4.96 -3.82 26.15
N GLY A 747 -4.26 -4.88 25.81
CA GLY A 747 -3.19 -5.36 26.68
C GLY A 747 -2.01 -4.42 26.72
N GLN A 748 -1.09 -4.71 27.62
CA GLN A 748 0.07 -3.85 27.78
C GLN A 748 1.26 -4.38 27.00
N LEU A 749 1.94 -3.51 26.26
CA LEU A 749 3.15 -3.94 25.58
C LEU A 749 4.36 -3.68 26.45
N THR A 750 5.11 -4.74 26.76
CA THR A 750 6.31 -4.60 27.57
C THR A 750 7.47 -5.28 26.86
N PHE A 751 8.70 -4.93 27.27
CA PHE A 751 9.90 -5.53 26.75
C PHE A 751 10.71 -6.08 27.90
N PRO A 752 11.32 -7.27 27.73
CA PRO A 752 12.09 -7.95 28.77
C PRO A 752 13.34 -7.17 29.11
N ASP A 753 13.93 -7.42 30.27
CA ASP A 753 15.06 -6.62 30.70
C ASP A 753 16.34 -6.89 29.93
N TYR A 754 16.44 -8.02 29.23
CA TYR A 754 17.67 -8.31 28.46
C TYR A 754 17.71 -7.61 27.06
N VAL A 755 16.64 -6.91 26.68
CA VAL A 755 16.65 -6.06 25.49
C VAL A 755 17.33 -4.73 25.80
N SER A 756 18.48 -4.52 25.21
CA SER A 756 19.31 -3.41 25.61
C SER A 756 19.44 -2.37 24.50
N ASP A 757 18.65 -2.48 23.45
CA ASP A 757 18.79 -1.53 22.35
C ASP A 757 17.60 -0.61 22.27
N GLN A 758 17.82 0.61 22.74
CA GLN A 758 16.77 1.60 22.73
C GLN A 758 16.13 1.85 21.32
N ASP A 759 16.94 1.84 20.26
CA ASP A 759 16.40 2.09 18.90
C ASP A 759 15.46 0.98 18.46
N SER A 760 15.79 -0.26 18.84
CA SER A 760 14.96 -1.44 18.55
C SER A 760 13.61 -1.33 19.21
N ILE A 761 13.65 -0.95 20.49
CA ILE A 761 12.43 -0.75 21.27
C ILE A 761 11.61 0.41 20.68
N ASN A 762 12.27 1.52 20.41
CA ASN A 762 11.54 2.62 19.74
C ASN A 762 10.82 2.12 18.48
N LEU A 763 11.53 1.36 17.62
CA LEU A 763 10.94 0.90 16.36
C LEU A 763 9.79 -0.06 16.61
N MET A 764 10.00 -1.05 17.48
CA MET A 764 8.94 -1.98 17.86
C MET A 764 7.73 -1.25 18.41
N LYS A 765 7.94 -0.34 19.35
CA LYS A 765 6.79 0.42 19.88
C LYS A 765 6.08 1.21 18.81
N ARG A 766 6.80 1.63 17.79
CA ARG A 766 6.15 2.47 16.77
C ARG A 766 5.54 1.67 15.63
N LEU A 767 6.02 0.44 15.42
CA LEU A 767 5.32 -0.44 14.48
C LEU A 767 4.07 -1.00 15.16
N LEU A 768 4.17 -1.22 16.46
CA LEU A 768 3.04 -1.78 17.22
C LEU A 768 2.19 -0.67 17.84
N CYS A 769 2.12 0.48 17.18
CA CYS A 769 1.20 1.54 17.54
C CYS A 769 -0.23 1.19 17.10
N ARG A 770 -1.19 1.18 18.03
CA ARG A 770 -2.54 0.66 17.75
C ARG A 770 -3.38 1.50 16.75
N LEU A 771 -3.31 2.83 16.85
CA LEU A 771 -3.95 3.67 15.83
C LEU A 771 -2.96 3.83 14.68
N PRO A 772 -3.39 3.46 13.48
CA PRO A 772 -2.57 3.50 12.26
C PRO A 772 -1.95 4.88 12.03
N GLN A 773 -2.69 5.95 12.30
CA GLN A 773 -2.15 7.28 12.05
C GLN A 773 -0.90 7.56 12.88
N GLY A 774 -0.75 6.92 14.02
CA GLY A 774 0.49 7.08 14.78
C GLY A 774 1.54 6.03 14.40
N ARG A 775 1.18 5.09 13.54
CA ARG A 775 2.06 3.96 13.23
C ARG A 775 3.16 4.42 12.26
N ILE A 776 4.41 4.13 12.58
CA ILE A 776 5.51 4.53 11.71
C ILE A 776 5.37 3.82 10.38
N GLY A 777 5.73 4.52 9.29
CA GLY A 777 5.61 4.00 7.94
C GLY A 777 4.20 4.14 7.39
N CYS A 778 3.31 4.81 8.10
CA CYS A 778 1.91 4.88 7.65
C CYS A 778 1.44 6.28 7.22
N SER A 779 2.35 7.23 7.15
CA SER A 779 1.98 8.56 6.70
C SER A 779 2.49 8.75 5.25
N ILE A 780 2.70 10.00 4.84
CA ILE A 780 2.90 10.28 3.42
C ILE A 780 4.21 9.69 2.83
N ASN A 781 5.32 9.78 3.55
CA ASN A 781 6.59 9.19 3.13
C ASN A 781 6.60 7.66 3.02
N GLY A 782 5.53 6.99 3.43
CA GLY A 782 5.47 5.54 3.42
C GLY A 782 6.62 4.82 4.12
N PHE A 783 7.17 3.80 3.48
CA PHE A 783 8.21 2.99 4.10
C PHE A 783 9.51 3.74 4.34
N LYS A 784 9.66 4.92 3.76
CA LYS A 784 10.89 5.67 3.96
C LYS A 784 11.11 6.03 5.42
N ASP A 785 10.03 6.28 6.17
CA ASP A 785 10.21 6.56 7.59
C ASP A 785 10.74 5.32 8.36
N ILE A 786 10.32 4.13 7.95
CA ILE A 786 10.90 2.92 8.55
C ILE A 786 12.34 2.73 8.09
N LYS A 787 12.64 2.94 6.80
CA LYS A 787 14.01 2.67 6.35
C LYS A 787 15.02 3.62 6.98
N GLU A 788 14.56 4.81 7.32
CA GLU A 788 15.43 5.83 7.90
C GLU A 788 15.43 5.87 9.44
N HIS A 789 14.65 5.00 10.07
CA HIS A 789 14.68 4.86 11.53
C HIS A 789 16.09 4.52 11.98
N ALA A 790 16.49 5.05 13.13
CA ALA A 790 17.83 4.86 13.66
C ALA A 790 18.19 3.37 13.92
N PHE A 791 17.16 2.52 14.06
CA PHE A 791 17.37 1.08 14.13
C PHE A 791 18.10 0.58 12.87
N PHE A 792 17.87 1.23 11.75
CA PHE A 792 18.46 0.82 10.49
C PHE A 792 19.67 1.67 10.15
N GLY A 793 20.19 2.39 11.14
CA GLY A 793 21.26 3.36 10.95
C GLY A 793 22.42 2.82 10.12
N ASN A 794 22.99 1.70 10.55
CA ASN A 794 24.17 1.19 9.89
C ASN A 794 23.86 0.16 8.78
N PHE A 795 22.64 0.21 8.24
CA PHE A 795 22.17 -0.78 7.28
C PHE A 795 22.09 -0.19 5.87
N ASN A 796 22.64 -0.96 4.95
CA ASN A 796 22.77 -0.61 3.56
C ASN A 796 21.65 -1.21 2.74
N TRP A 797 20.51 -0.53 2.63
CA TRP A 797 19.38 -1.03 1.87
C TRP A 797 19.76 -1.37 0.42
N ASP A 798 20.74 -0.66 -0.10
CA ASP A 798 21.30 -0.84 -1.45
C ASP A 798 21.85 -2.25 -1.73
N LYS A 799 22.61 -2.74 -0.78
CA LYS A 799 23.25 -4.04 -0.89
C LYS A 799 22.30 -5.18 -0.60
N LEU A 800 21.16 -4.90 -0.01
CA LEU A 800 20.25 -5.99 0.35
C LEU A 800 19.60 -6.65 -0.87
N ALA A 801 18.92 -5.84 -1.67
CA ALA A 801 18.21 -6.27 -2.88
C ALA A 801 19.17 -6.83 -3.92
N GLY A 802 20.38 -6.25 -3.95
CA GLY A 802 21.43 -6.70 -4.84
C GLY A 802 22.21 -7.92 -4.39
N ARG A 803 21.78 -8.53 -3.28
CA ARG A 803 22.43 -9.70 -2.69
C ARG A 803 23.90 -9.47 -2.42
N LEU A 804 24.23 -8.30 -1.89
CA LEU A 804 25.62 -7.99 -1.56
C LEU A 804 25.89 -8.08 -0.04
N LEU A 805 24.92 -8.62 0.71
CA LEU A 805 25.07 -8.80 2.17
C LEU A 805 25.18 -10.25 2.56
N GLU A 806 26.01 -10.56 3.54
CA GLU A 806 26.07 -11.90 4.13
C GLU A 806 24.80 -12.13 4.94
N PRO A 807 24.00 -13.13 4.58
CA PRO A 807 22.78 -13.42 5.31
C PRO A 807 23.08 -14.10 6.67
N PRO A 808 22.12 -14.09 7.61
CA PRO A 808 22.35 -14.58 8.96
C PRO A 808 22.63 -16.08 9.01
N LEU A 809 22.09 -16.81 8.05
CA LEU A 809 22.01 -18.24 8.12
C LEU A 809 21.98 -18.85 6.70
N VAL A 810 22.97 -19.64 6.33
CA VAL A 810 22.91 -20.29 5.01
C VAL A 810 22.80 -21.79 5.21
N SER A 811 21.83 -22.42 4.53
CA SER A 811 21.61 -23.85 4.67
C SER A 811 22.75 -24.68 4.09
N LYS A 812 23.11 -25.75 4.78
CA LYS A 812 23.96 -26.79 4.18
C LYS A 812 23.01 -27.81 3.55
N GLY A 813 22.95 -27.84 2.23
CA GLY A 813 22.02 -28.74 1.53
C GLY A 813 20.56 -28.39 1.76
N GLU A 814 19.66 -29.16 1.15
CA GLU A 814 18.22 -28.84 1.20
C GLU A 814 17.60 -29.16 2.56
N THR A 815 16.54 -28.42 2.89
CA THR A 815 15.83 -28.57 4.16
C THR A 815 14.34 -28.36 3.98
N TYR A 816 13.53 -29.18 4.66
CA TYR A 816 12.09 -29.01 4.61
C TYR A 816 11.45 -29.35 5.96
N1 1E8 B . 9.64 -24.51 -2.84
C2 1E8 B . 9.96 -25.29 -1.81
N3 1E8 B . 9.20 -25.66 -0.77
C4 1E8 B . 7.96 -25.16 -0.85
C5 1E8 B . 7.46 -24.34 -1.87
C6 1E8 B . 8.39 -24.02 -2.90
NAB 1E8 B . 8.07 -23.24 -3.95
CAI 1E8 B . 0.83 -20.03 -5.73
CAJ 1E8 B . 2.18 -19.30 -3.89
CAK 1E8 B . 3.99 -22.78 -4.34
CAL 1E8 B . 3.08 -21.97 -2.27
CAM 1E8 B . 5.02 -23.38 -3.65
CAN 1E8 B . 4.12 -22.58 -1.58
CAP 1E8 B . 5.62 -25.99 2.02
CAR 1E8 B . 8.09 -25.93 2.20
NAU 1E8 B . 5.80 -24.69 -0.36
OAV 1E8 B . 1.87 -21.67 -4.36
CAY 1E8 B . 1.64 -20.32 -4.64
CAZ 1E8 B . 3.01 -22.10 -3.65
CBA 1E8 B . 5.09 -23.31 -2.26
CBB 1E8 B . 6.11 -24.09 -1.51
CBE 1E8 B . 6.93 -26.19 1.26
NBF 1E8 B . 6.95 -25.36 0.04
NBG 1E8 B . 7.75 -26.32 3.57
UNK UNX C . 26.46 19.41 -6.17
UNK UNX D . 10.63 8.26 -14.83
UNK UNX E . 8.90 22.28 -22.41
UNK UNX F . 10.75 42.12 -26.60
UNK UNX G . 17.29 34.96 -10.89
UNK UNX H . -1.65 33.94 19.56
UNK UNX I . -7.30 27.97 20.08
UNK UNX J . 19.30 -13.12 27.46
UNK UNX K . 0.25 31.80 17.35
UNK UNX L . 26.67 24.50 -11.68
UNK UNX M . 7.21 -11.85 -23.12
UNK UNX N . 15.69 11.98 -24.54
UNK UNX O . -15.03 32.93 8.14
UNK UNX P . 4.67 -10.62 -14.45
UNK UNX Q . -6.87 28.37 -8.95
UNK UNX R . 29.08 -20.89 -23.08
UNK UNX S . 24.14 2.82 4.82
UNK UNX T . 16.35 41.41 -17.33
UNK UNX U . 14.40 -15.36 -25.90
UNK UNX V . 12.81 0.31 -3.52
UNK UNX W . 1.60 10.66 15.73
UNK UNX X . 1.95 28.20 -5.61
UNK UNX Y . 0.26 28.17 -8.30
UNK UNX Z . 34.54 -7.97 -24.83
UNK UNX AA . -1.75 16.55 -8.40
UNK UNX BA . 30.84 -9.97 1.78
UNK UNX CA . -9.91 43.13 9.12
UNK UNX DA . 6.67 -36.36 4.16
UNK UNX EA . 30.88 -12.63 -3.80
UNK UNX FA . 31.85 -15.01 7.52
UNK UNX GA . -12.03 44.62 13.13
UNK UNX HA . -5.65 36.93 3.41
UNK UNX IA . -10.31 -20.55 -16.20
UNK UNX JA . -15.18 -21.18 -14.02
UNK UNX KA . -15.52 -16.08 5.27
UNK UNX LA . 26.50 24.20 -31.49
UNK UNX MA . 22.70 26.68 -31.34
UNK UNX NA . -8.10 -8.94 30.71
UNK UNX OA . 24.40 -11.60 29.17
UNK UNX PA . 7.39 -16.24 30.63
UNK UNX QA . -15.23 39.93 3.55
UNK UNX RA . 22.34 -18.14 -38.11
UNK UNX SA . 18.30 -19.83 -37.37
UNK UNX TA . 17.64 -0.65 -47.72
UNK UNX UA . 19.98 -4.49 -49.04
UNK UNX VA . 26.32 -12.10 -0.88
UNK UNX WA . 10.45 -5.59 -13.22
UNK UNX XA . 26.99 -18.19 -19.54
UNK UNX YA . 14.48 -10.03 -29.24
UNK UNX ZA . 6.80 18.14 3.82
UNK UNX AB . 25.36 -9.33 -30.21
UNK UNX BB . 1.32 -9.44 26.81
UNK UNX CB . -0.51 2.19 20.63
UNK UNX DB . 21.29 2.78 3.07
UNK UNX EB . -17.73 27.87 2.50
UNK UNX FB . 12.20 -8.86 32.10
UNK UNX GB . 11.29 -2.68 -24.83
UNK UNX HB . 3.98 -23.81 9.73
UNK UNX IB . 31.49 5.45 -11.11
UNK UNX JB . 8.05 33.97 -3.35
UNK UNX KB . -5.39 25.86 -15.14
UNK UNX LB . 24.01 -10.82 9.88
UNK UNX MB . -6.27 -21.97 -11.86
UNK UNX NB . 15.36 0.54 -0.08
UNK UNX OB . 18.33 4.64 4.77
UNK UNX PB . 28.17 11.95 -14.80
#